data_7A6T
#
_entry.id   7A6T
#
_cell.length_a   105.032
_cell.length_b   105.032
_cell.length_c   159.997
_cell.angle_alpha   90.000
_cell.angle_beta   90.000
_cell.angle_gamma   120.000
#
_symmetry.space_group_name_H-M   'P 32 2 1'
#
loop_
_entity.id
_entity.type
_entity.pdbx_description
1 polymer 'Deoxyhypusine synthase'
2 non-polymer NICOTINAMIDE-ADENINE-DINUCLEOTIDE
3 non-polymer SPERMIDINE
4 non-polymer 1,2-ETHANEDIOL
5 non-polymer BETA-MERCAPTOETHANOL
6 non-polymer 'OXAMIC ACID'
7 water water
#
_entity_poly.entity_id   1
_entity_poly.type   'polypeptide(L)'
_entity_poly.pdbx_seq_one_letter_code
;MEGSLEREAPAGALAAVLKHSSTLPPESTQVRGYDFNRGVNYRALLEAFGTTGFQATNFGRAVQQVNAMIEKKLEPLSQD
EDQHADLTQSRRPLTSCTIFLGYTSNLISSGIRETIRYLVQHNMVDVLVTTAGGVEEDLIKCLAPTYLGEFSLRGKELRE
NGINRIGNLLVPSENY(CSS)KFEDWLMPILDQMVMEQNTEGVKWTPSKMIARLGKEINNPESVYYWAQKNHIPVFSPAL
TDGSLGDMIFFHSYKNPGLVLDIVEDLRLINTQAIFAKCTGMIILGGGVVKHHIANANLMRNGADYAVYINTAQEFDGSD
SGARPDEAVSWGKIRVDAQPVKVYADASLVFPLLVAETFAQKMDAFMHEKNED
;
_entity_poly.pdbx_strand_id   A,B
#
# COMPACT_ATOMS: atom_id res chain seq x y z
N SER A 28 -34.57 -14.37 -17.45
CA SER A 28 -34.14 -13.45 -16.39
C SER A 28 -34.46 -14.03 -15.01
N THR A 29 -33.58 -13.75 -14.06
CA THR A 29 -33.56 -14.46 -12.79
C THR A 29 -34.30 -13.67 -11.73
N GLN A 30 -35.18 -14.35 -11.01
CA GLN A 30 -36.05 -13.73 -10.02
C GLN A 30 -35.34 -13.61 -8.68
N VAL A 31 -35.70 -12.56 -7.95
CA VAL A 31 -35.20 -12.39 -6.60
C VAL A 31 -36.00 -13.28 -5.65
N ARG A 32 -35.28 -14.06 -4.88
CA ARG A 32 -35.86 -14.96 -3.92
C ARG A 32 -34.81 -15.38 -2.88
N GLY A 33 -35.11 -15.15 -1.62
CA GLY A 33 -34.22 -15.55 -0.54
C GLY A 33 -34.41 -17.01 -0.15
N TYR A 34 -33.48 -17.52 0.64
CA TYR A 34 -33.62 -18.86 1.18
C TYR A 34 -34.81 -18.94 2.12
N ASP A 35 -35.55 -20.03 2.03
CA ASP A 35 -36.76 -20.26 2.84
C ASP A 35 -36.42 -21.17 4.00
N PHE A 36 -36.39 -20.59 5.21
CA PHE A 36 -36.06 -21.41 6.37
C PHE A 36 -37.17 -22.37 6.77
N ASN A 37 -38.33 -22.34 6.11
CA ASN A 37 -39.25 -23.46 6.31
C ASN A 37 -38.65 -24.77 5.83
N ARG A 38 -37.56 -24.72 5.07
CA ARG A 38 -36.89 -25.93 4.64
C ARG A 38 -36.02 -26.52 5.74
N GLY A 39 -35.86 -25.80 6.85
CA GLY A 39 -34.85 -26.13 7.85
C GLY A 39 -33.56 -25.40 7.52
N VAL A 40 -32.46 -25.87 8.12
CA VAL A 40 -31.17 -25.23 7.98
C VAL A 40 -30.27 -26.21 7.21
N ASN A 41 -30.19 -26.00 5.90
CA ASN A 41 -29.21 -26.65 5.03
C ASN A 41 -28.25 -25.53 4.62
N TYR A 42 -27.06 -25.54 5.18
CA TYR A 42 -26.15 -24.42 4.96
C TYR A 42 -25.69 -24.29 3.50
N ARG A 43 -25.61 -25.38 2.77
CA ARG A 43 -25.22 -25.26 1.41
C ARG A 43 -26.29 -24.55 0.59
N ALA A 44 -27.54 -24.97 0.71
CA ALA A 44 -28.66 -24.31 0.05
C ALA A 44 -28.75 -22.86 0.48
N LEU A 45 -28.43 -22.58 1.75
CA LEU A 45 -28.45 -21.20 2.22
CA LEU A 45 -28.45 -21.20 2.22
C LEU A 45 -27.40 -20.36 1.51
N LEU A 46 -26.19 -20.88 1.36
CA LEU A 46 -25.17 -20.10 0.66
C LEU A 46 -25.50 -19.98 -0.81
N GLU A 47 -26.03 -21.04 -1.41
CA GLU A 47 -26.40 -20.98 -2.82
C GLU A 47 -27.46 -19.92 -3.06
N ALA A 48 -28.34 -19.72 -2.09
CA ALA A 48 -29.40 -18.72 -2.22
C ALA A 48 -28.86 -17.30 -2.23
N PHE A 49 -27.64 -17.05 -1.76
CA PHE A 49 -27.15 -15.68 -1.86
CA PHE A 49 -27.04 -15.72 -1.89
C PHE A 49 -27.23 -15.17 -3.29
N GLY A 50 -27.04 -16.02 -4.28
CA GLY A 50 -27.05 -15.60 -5.67
C GLY A 50 -28.32 -14.88 -6.09
N THR A 51 -29.46 -15.29 -5.54
CA THR A 51 -30.74 -14.68 -5.89
C THR A 51 -31.27 -13.75 -4.82
N THR A 52 -30.47 -13.41 -3.82
CA THR A 52 -30.92 -12.55 -2.71
C THR A 52 -30.72 -11.07 -3.01
N GLY A 53 -29.76 -10.74 -3.88
CA GLY A 53 -29.56 -9.36 -4.32
C GLY A 53 -28.44 -8.65 -3.57
N PHE A 54 -28.16 -7.42 -4.04
CA PHE A 54 -27.14 -6.56 -3.46
C PHE A 54 -25.84 -7.37 -3.35
N GLN A 55 -25.09 -7.25 -2.26
CA GLN A 55 -23.79 -7.96 -2.24
C GLN A 55 -23.93 -9.46 -2.09
N ALA A 56 -25.06 -9.96 -1.60
CA ALA A 56 -25.25 -11.41 -1.60
C ALA A 56 -25.20 -11.94 -3.03
N THR A 57 -25.78 -11.19 -3.96
CA THR A 57 -25.73 -11.59 -5.36
C THR A 57 -24.31 -11.53 -5.89
N ASN A 58 -23.55 -10.52 -5.53
CA ASN A 58 -22.17 -10.46 -5.99
C ASN A 58 -21.35 -11.59 -5.40
N PHE A 59 -21.64 -12.00 -4.17
CA PHE A 59 -20.97 -13.16 -3.61
C PHE A 59 -21.23 -14.39 -4.47
N GLY A 60 -22.49 -14.59 -4.85
CA GLY A 60 -22.80 -15.72 -5.72
C GLY A 60 -22.06 -15.63 -7.04
N ARG A 61 -21.95 -14.42 -7.59
N ARG A 61 -21.95 -14.42 -7.59
CA ARG A 61 -21.19 -14.28 -8.83
CA ARG A 61 -21.19 -14.25 -8.83
C ARG A 61 -19.71 -14.57 -8.59
C ARG A 61 -19.71 -14.53 -8.59
N ALA A 62 -19.20 -14.20 -7.41
CA ALA A 62 -17.80 -14.48 -7.11
C ALA A 62 -17.53 -15.99 -6.99
N VAL A 63 -18.44 -16.73 -6.36
CA VAL A 63 -18.35 -18.19 -6.36
C VAL A 63 -18.25 -18.71 -7.78
N GLN A 64 -19.07 -18.19 -8.69
CA GLN A 64 -19.05 -18.68 -10.06
C GLN A 64 -17.73 -18.38 -10.75
N GLN A 65 -17.16 -17.18 -10.53
CA GLN A 65 -15.90 -16.80 -11.16
CA GLN A 65 -15.92 -16.86 -11.21
C GLN A 65 -14.73 -17.63 -10.64
N VAL A 66 -14.70 -17.85 -9.32
CA VAL A 66 -13.62 -18.66 -8.75
C VAL A 66 -13.74 -20.12 -9.21
N ASN A 67 -14.96 -20.66 -9.24
CA ASN A 67 -15.10 -22.02 -9.76
C ASN A 67 -14.70 -22.12 -11.24
N ALA A 68 -14.94 -21.06 -12.01
CA ALA A 68 -14.45 -21.06 -13.38
C ALA A 68 -12.93 -21.08 -13.43
N MET A 69 -12.28 -20.31 -12.56
CA MET A 69 -10.83 -20.34 -12.50
C MET A 69 -10.33 -21.73 -12.19
N ILE A 70 -10.91 -22.36 -11.15
CA ILE A 70 -10.47 -23.69 -10.75
C ILE A 70 -10.70 -24.68 -11.88
N GLU A 71 -11.86 -24.61 -12.51
CA GLU A 71 -12.14 -25.52 -13.61
C GLU A 71 -11.09 -25.38 -14.71
N LYS A 72 -10.71 -24.16 -15.05
CA LYS A 72 -9.71 -24.01 -16.09
C LYS A 72 -8.35 -24.51 -15.59
N LYS A 73 -8.02 -24.23 -14.32
CA LYS A 73 -6.76 -24.68 -13.77
C LYS A 73 -6.61 -26.20 -13.87
N LEU A 74 -7.70 -26.93 -13.68
CA LEU A 74 -7.63 -28.39 -13.64
C LEU A 74 -7.65 -29.02 -15.02
N GLU A 75 -7.83 -28.25 -16.10
CA GLU A 75 -7.73 -28.83 -17.43
C GLU A 75 -6.30 -29.33 -17.67
N PRO A 76 -6.12 -30.47 -18.32
CA PRO A 76 -4.76 -30.96 -18.62
C PRO A 76 -4.01 -30.05 -19.60
N LEU A 77 -2.68 -30.09 -19.50
CA LEU A 77 -1.75 -29.23 -20.20
C LEU A 77 -0.75 -30.08 -20.97
N SER A 78 -0.14 -29.49 -22.00
CA SER A 78 0.99 -30.10 -22.71
C SER A 78 1.96 -28.99 -23.14
N GLN A 79 2.98 -28.76 -22.33
CA GLN A 79 3.95 -27.71 -22.59
C GLN A 79 5.31 -28.16 -22.10
N ASP A 80 6.37 -27.56 -22.64
CA ASP A 80 7.69 -28.12 -22.36
C ASP A 80 8.29 -27.52 -21.09
N GLU A 81 8.79 -28.42 -20.24
CA GLU A 81 9.16 -28.14 -18.86
C GLU A 81 10.41 -27.28 -18.72
N ASP A 82 11.29 -27.27 -19.71
CA ASP A 82 12.58 -26.61 -19.56
C ASP A 82 12.53 -25.13 -19.95
N GLN A 83 11.82 -24.80 -21.03
CA GLN A 83 11.78 -23.41 -21.46
C GLN A 83 10.96 -22.56 -20.51
N HIS A 84 9.91 -23.12 -19.89
CA HIS A 84 9.15 -22.29 -18.96
C HIS A 84 9.97 -22.00 -17.70
N ALA A 85 10.74 -22.98 -17.20
CA ALA A 85 11.60 -22.71 -16.05
C ALA A 85 12.68 -21.69 -16.38
N ASP A 86 13.16 -21.66 -17.62
N ASP A 86 13.16 -21.67 -17.63
CA ASP A 86 14.21 -20.71 -17.99
CA ASP A 86 14.21 -20.72 -18.02
C ASP A 86 13.65 -19.29 -18.10
C ASP A 86 13.65 -19.30 -18.11
N LEU A 87 12.45 -19.15 -18.68
CA LEU A 87 11.89 -17.82 -18.89
C LEU A 87 11.44 -17.18 -17.57
N THR A 88 10.81 -17.96 -16.68
CA THR A 88 10.29 -17.47 -15.41
C THR A 88 11.27 -17.62 -14.25
N GLN A 89 12.39 -18.31 -14.46
CA GLN A 89 13.38 -18.58 -13.40
C GLN A 89 12.69 -19.10 -12.14
N SER A 90 11.79 -20.07 -12.33
CA SER A 90 11.05 -20.68 -11.24
C SER A 90 10.96 -22.20 -11.46
N ARG A 91 10.97 -22.92 -10.34
CA ARG A 91 10.85 -24.38 -10.32
C ARG A 91 9.40 -24.87 -10.32
N ARG A 92 8.42 -23.97 -10.32
CA ARG A 92 7.03 -24.38 -10.19
C ARG A 92 6.45 -24.75 -11.55
N PRO A 93 5.84 -25.92 -11.71
CA PRO A 93 5.30 -26.28 -13.03
C PRO A 93 4.11 -25.40 -13.40
N LEU A 94 4.03 -25.11 -14.69
CA LEU A 94 2.88 -24.43 -15.26
C LEU A 94 1.66 -25.34 -15.15
N THR A 95 0.50 -24.74 -14.84
CA THR A 95 -0.79 -25.40 -14.91
C THR A 95 -1.66 -24.68 -15.95
N SER A 96 -2.87 -25.16 -16.16
CA SER A 96 -3.68 -24.54 -17.19
C SER A 96 -4.26 -23.20 -16.76
N CYS A 97 -4.17 -22.82 -15.50
CA CYS A 97 -4.47 -21.43 -15.13
C CYS A 97 -3.72 -21.06 -13.87
N THR A 98 -3.02 -19.92 -13.93
CA THR A 98 -2.22 -19.42 -12.83
C THR A 98 -3.05 -18.47 -11.99
N ILE A 99 -3.22 -18.79 -10.71
CA ILE A 99 -4.10 -17.99 -9.84
C ILE A 99 -3.21 -17.16 -8.90
N PHE A 100 -3.40 -15.83 -8.95
CA PHE A 100 -2.75 -14.89 -8.04
C PHE A 100 -3.68 -14.61 -6.86
N LEU A 101 -3.19 -14.83 -5.63
CA LEU A 101 -3.96 -14.52 -4.42
C LEU A 101 -3.26 -13.38 -3.69
N GLY A 102 -3.97 -12.29 -3.45
CA GLY A 102 -3.44 -11.15 -2.72
C GLY A 102 -4.29 -10.85 -1.50
N TYR A 103 -3.65 -10.38 -0.45
CA TYR A 103 -4.38 -9.99 0.76
C TYR A 103 -3.61 -8.94 1.53
N THR A 104 -4.35 -7.98 2.08
CA THR A 104 -3.73 -7.01 2.95
C THR A 104 -3.23 -7.66 4.23
N SER A 105 -2.30 -6.97 4.89
CA SER A 105 -1.61 -7.54 6.04
C SER A 105 -2.56 -7.93 7.15
N ASN A 106 -3.55 -7.07 7.42
CA ASN A 106 -4.45 -7.31 8.54
C ASN A 106 -5.21 -8.62 8.39
N LEU A 107 -5.39 -9.10 7.16
CA LEU A 107 -6.09 -10.38 7.06
C LEU A 107 -5.25 -11.53 7.61
N ILE A 108 -3.92 -11.38 7.70
CA ILE A 108 -3.10 -12.39 8.37
C ILE A 108 -3.17 -12.22 9.88
N SER A 109 -3.47 -11.01 10.37
CA SER A 109 -3.76 -10.84 11.79
C SER A 109 -5.02 -11.57 12.17
N SER A 110 -6.01 -11.54 11.28
CA SER A 110 -7.26 -12.23 11.47
C SER A 110 -7.10 -13.74 11.32
N GLY A 111 -8.21 -14.44 11.57
CA GLY A 111 -8.26 -15.87 11.33
C GLY A 111 -8.28 -16.26 9.87
N ILE A 112 -8.36 -15.28 8.97
CA ILE A 112 -8.27 -15.59 7.55
C ILE A 112 -6.91 -16.19 7.26
N ARG A 113 -5.95 -15.96 8.17
CA ARG A 113 -4.65 -16.62 8.06
C ARG A 113 -4.81 -18.13 7.88
N GLU A 114 -5.77 -18.74 8.58
CA GLU A 114 -5.97 -20.18 8.45
C GLU A 114 -6.56 -20.55 7.10
N THR A 115 -7.42 -19.69 6.57
CA THR A 115 -8.01 -19.91 5.26
C THR A 115 -6.94 -19.89 4.19
N ILE A 116 -6.08 -18.88 4.23
CA ILE A 116 -5.05 -18.75 3.23
C ILE A 116 -4.06 -19.91 3.35
N ARG A 117 -3.70 -20.27 4.57
CA ARG A 117 -2.75 -21.37 4.77
C ARG A 117 -3.27 -22.66 4.14
N TYR A 118 -4.54 -22.96 4.34
CA TYR A 118 -5.15 -24.12 3.70
C TYR A 118 -4.96 -24.10 2.18
N LEU A 119 -5.25 -22.97 1.54
CA LEU A 119 -5.11 -22.92 0.08
C LEU A 119 -3.67 -23.16 -0.36
N VAL A 120 -2.70 -22.57 0.35
CA VAL A 120 -1.29 -22.71 -0.01
C VAL A 120 -0.80 -24.12 0.30
N GLN A 121 -1.24 -24.68 1.43
CA GLN A 121 -0.85 -26.04 1.79
C GLN A 121 -1.20 -27.02 0.70
N HIS A 122 -2.32 -26.80 0.01
CA HIS A 122 -2.77 -27.76 -0.98
C HIS A 122 -2.51 -27.30 -2.39
N ASN A 123 -1.64 -26.30 -2.56
CA ASN A 123 -1.18 -25.89 -3.89
C ASN A 123 -2.34 -25.50 -4.79
N MET A 124 -3.33 -24.81 -4.20
CA MET A 124 -4.51 -24.39 -4.92
C MET A 124 -4.35 -23.03 -5.58
N VAL A 125 -3.36 -22.25 -5.17
CA VAL A 125 -3.04 -20.98 -5.80
C VAL A 125 -1.55 -21.02 -6.11
N ASP A 126 -1.11 -20.09 -6.96
CA ASP A 126 0.19 -20.18 -7.60
C ASP A 126 1.14 -19.04 -7.26
N VAL A 127 0.62 -17.86 -6.91
CA VAL A 127 1.42 -16.71 -6.54
C VAL A 127 0.70 -16.01 -5.40
N LEU A 128 1.44 -15.62 -4.35
CA LEU A 128 0.90 -14.83 -3.25
C LEU A 128 1.48 -13.44 -3.30
N VAL A 129 0.66 -12.43 -2.97
CA VAL A 129 1.14 -11.06 -2.77
C VAL A 129 0.52 -10.53 -1.49
N THR A 130 1.35 -10.04 -0.57
CA THR A 130 0.88 -9.43 0.66
C THR A 130 1.89 -8.37 1.09
N THR A 131 1.41 -7.42 1.88
CA THR A 131 2.31 -6.44 2.45
C THR A 131 3.07 -7.04 3.63
N ALA A 132 3.98 -6.26 4.19
CA ALA A 132 4.97 -6.85 5.10
C ALA A 132 4.31 -7.47 6.31
N GLY A 133 3.30 -6.79 6.88
CA GLY A 133 2.66 -7.37 8.04
C GLY A 133 2.08 -8.74 7.73
N GLY A 134 1.60 -8.92 6.51
CA GLY A 134 1.06 -10.21 6.13
C GLY A 134 2.10 -11.31 6.10
N VAL A 135 3.38 -10.94 6.07
CA VAL A 135 4.46 -11.94 6.17
C VAL A 135 4.75 -12.15 7.64
N GLU A 136 5.14 -11.09 8.34
CA GLU A 136 5.68 -11.26 9.68
C GLU A 136 4.64 -11.84 10.65
N GLU A 137 3.38 -11.42 10.59
CA GLU A 137 2.46 -11.92 11.60
C GLU A 137 2.11 -13.39 11.41
N ASP A 138 2.27 -13.95 10.22
CA ASP A 138 2.12 -15.39 10.09
C ASP A 138 3.21 -16.13 10.85
N LEU A 139 4.42 -15.59 10.83
CA LEU A 139 5.53 -16.18 11.57
C LEU A 139 5.37 -15.97 13.06
N ILE A 140 4.98 -14.78 13.48
CA ILE A 140 4.84 -14.51 14.91
C ILE A 140 3.75 -15.38 15.52
N LYS A 141 2.68 -15.68 14.77
CA LYS A 141 1.64 -16.57 15.31
C LYS A 141 2.14 -17.98 15.59
N CYS A 142 3.24 -18.41 14.96
CA CYS A 142 3.79 -19.69 15.36
C CYS A 142 4.54 -19.61 16.68
N LEU A 143 4.86 -18.40 17.15
CA LEU A 143 5.55 -18.21 18.42
C LEU A 143 4.64 -17.82 19.56
N ALA A 144 3.56 -17.09 19.29
CA ALA A 144 2.67 -16.59 20.34
C ALA A 144 1.37 -16.13 19.68
N PRO A 145 0.24 -16.19 20.40
CA PRO A 145 -1.03 -15.90 19.74
C PRO A 145 -1.36 -14.42 19.76
N THR A 146 -2.31 -14.10 18.90
CA THR A 146 -3.04 -12.86 18.85
C THR A 146 -4.40 -13.07 19.50
N TYR A 147 -4.91 -12.03 20.16
CA TYR A 147 -6.09 -12.14 20.99
C TYR A 147 -7.22 -11.24 20.50
N LEU A 148 -8.44 -11.58 20.89
CA LEU A 148 -9.59 -10.75 20.59
C LEU A 148 -9.71 -9.59 21.56
N GLY A 149 -10.12 -8.44 21.04
CA GLY A 149 -10.39 -7.28 21.86
C GLY A 149 -11.57 -6.50 21.31
N GLU A 150 -11.46 -5.19 21.25
CA GLU A 150 -12.52 -4.30 20.77
C GLU A 150 -11.86 -3.10 20.08
N PHE A 151 -12.56 -2.53 19.09
CA PHE A 151 -11.99 -1.38 18.38
C PHE A 151 -11.83 -0.15 19.29
N SER A 152 -12.64 -0.06 20.34
CA SER A 152 -12.73 1.17 21.13
C SER A 152 -11.76 1.22 22.30
N LEU A 153 -10.95 0.20 22.51
CA LEU A 153 -10.00 0.21 23.62
C LEU A 153 -9.02 1.36 23.45
N ARG A 154 -8.77 2.10 24.53
CA ARG A 154 -8.00 3.33 24.45
C ARG A 154 -6.50 3.07 24.39
N GLY A 155 -5.82 3.83 23.52
CA GLY A 155 -4.41 3.58 23.25
C GLY A 155 -3.51 3.80 24.45
N LYS A 156 -3.81 4.83 25.25
CA LYS A 156 -2.95 5.14 26.39
C LYS A 156 -2.83 3.94 27.32
N GLU A 157 -3.97 3.41 27.78
CA GLU A 157 -3.94 2.29 28.72
CA GLU A 157 -3.95 2.29 28.73
C GLU A 157 -3.35 1.04 28.08
N LEU A 158 -3.62 0.82 26.80
CA LEU A 158 -3.01 -0.34 26.16
C LEU A 158 -1.49 -0.18 26.10
N ARG A 159 -1.03 1.01 25.74
CA ARG A 159 0.41 1.26 25.65
C ARG A 159 1.07 1.06 27.00
N GLU A 160 0.44 1.55 28.06
CA GLU A 160 1.01 1.40 29.39
C GLU A 160 1.12 -0.05 29.79
N ASN A 161 0.41 -0.96 29.14
CA ASN A 161 0.51 -2.37 29.49
C ASN A 161 1.18 -3.20 28.41
N GLY A 162 1.84 -2.56 27.46
CA GLY A 162 2.54 -3.29 26.42
C GLY A 162 1.63 -4.11 25.54
N ILE A 163 0.42 -3.61 25.25
CA ILE A 163 -0.50 -4.28 24.34
C ILE A 163 -0.73 -3.39 23.13
N ASN A 164 -0.61 -3.97 21.94
CA ASN A 164 -0.70 -3.28 20.68
C ASN A 164 -2.00 -3.67 19.99
N ARG A 165 -2.75 -2.68 19.49
CA ARG A 165 -4.06 -2.96 18.93
C ARG A 165 -4.01 -3.07 17.41
N ILE A 166 -4.66 -4.10 16.88
CA ILE A 166 -4.87 -4.28 15.44
C ILE A 166 -6.37 -4.36 15.23
N GLY A 167 -7.04 -3.22 15.00
CA GLY A 167 -8.48 -3.28 14.82
C GLY A 167 -9.10 -3.70 16.13
N ASN A 168 -9.85 -4.81 16.14
CA ASN A 168 -10.39 -5.36 17.38
C ASN A 168 -9.59 -6.55 17.86
N LEU A 169 -8.32 -6.61 17.49
CA LEU A 169 -7.39 -7.65 17.93
C LEU A 169 -6.29 -7.03 18.77
N LEU A 170 -5.58 -7.86 19.53
CA LEU A 170 -4.55 -7.36 20.43
C LEU A 170 -3.30 -8.22 20.34
N VAL A 171 -2.13 -7.59 20.22
CA VAL A 171 -0.86 -8.33 20.19
CA VAL A 171 -0.88 -8.35 20.21
C VAL A 171 0.04 -7.84 21.31
N PRO A 172 0.36 -8.67 22.31
CA PRO A 172 1.32 -8.24 23.35
C PRO A 172 2.67 -7.90 22.73
N SER A 173 3.35 -6.94 23.30
CA SER A 173 4.64 -6.59 22.82
C SER A 173 5.60 -7.77 22.96
N GLU A 174 5.42 -8.59 23.95
CA GLU A 174 6.31 -9.74 24.11
C GLU A 174 6.30 -10.62 22.86
N ASN A 175 5.20 -10.64 22.11
CA ASN A 175 5.19 -11.41 20.86
C ASN A 175 6.35 -10.97 19.96
N TYR A 176 6.61 -9.67 19.91
CA TYR A 176 7.66 -9.14 19.06
C TYR A 176 9.05 -9.41 19.63
N LYS A 178 9.79 -12.24 21.19
CA LYS A 178 10.00 -13.62 20.75
C LYS A 178 10.39 -13.66 19.26
N PHE A 179 9.75 -12.80 18.47
CA PHE A 179 10.10 -12.68 17.05
C PHE A 179 11.54 -12.25 16.87
N GLU A 180 11.97 -11.24 17.64
CA GLU A 180 13.34 -10.79 17.57
C GLU A 180 14.31 -11.94 17.80
N ASP A 181 14.08 -12.70 18.88
CA ASP A 181 15.01 -13.76 19.25
C ASP A 181 15.07 -14.84 18.17
N TRP A 182 13.92 -15.12 17.56
CA TRP A 182 13.87 -16.14 16.51
C TRP A 182 14.57 -15.65 15.25
N LEU A 183 14.42 -14.38 14.92
CA LEU A 183 14.83 -13.88 13.62
C LEU A 183 16.28 -13.46 13.55
N MET A 184 16.85 -12.90 14.61
CA MET A 184 18.19 -12.34 14.48
C MET A 184 19.21 -13.35 13.99
N PRO A 185 19.24 -14.60 14.49
CA PRO A 185 20.23 -15.56 13.93
C PRO A 185 20.02 -15.87 12.46
N ILE A 186 18.78 -15.80 11.98
CA ILE A 186 18.51 -15.99 10.56
C ILE A 186 19.05 -14.81 9.74
N LEU A 187 18.86 -13.58 10.24
CA LEU A 187 19.42 -12.42 9.54
C LEU A 187 20.95 -12.53 9.46
N ASP A 188 21.58 -12.97 10.54
CA ASP A 188 23.02 -13.23 10.50
C ASP A 188 23.39 -14.18 9.36
N GLN A 189 22.66 -15.28 9.23
N GLN A 189 22.66 -15.28 9.23
CA GLN A 189 22.95 -16.24 8.18
CA GLN A 189 23.00 -16.23 8.16
C GLN A 189 22.77 -15.61 6.81
C GLN A 189 22.78 -15.60 6.79
N MET A 190 21.71 -14.82 6.64
CA MET A 190 21.45 -14.20 5.34
C MET A 190 22.58 -13.28 4.95
N VAL A 191 23.10 -12.47 5.89
CA VAL A 191 24.20 -11.59 5.52
C VAL A 191 25.41 -12.40 5.11
N MET A 192 25.70 -13.47 5.87
CA MET A 192 26.86 -14.30 5.58
C MET A 192 26.73 -14.95 4.20
N GLU A 193 25.53 -15.41 3.85
CA GLU A 193 25.31 -16.02 2.55
C GLU A 193 25.41 -15.01 1.42
N GLN A 194 24.96 -13.78 1.67
CA GLN A 194 25.09 -12.73 0.68
C GLN A 194 26.54 -12.42 0.40
N ASN A 195 27.36 -12.33 1.44
CA ASN A 195 28.70 -11.79 1.28
C ASN A 195 29.70 -12.84 0.84
N THR A 196 29.41 -14.13 1.07
CA THR A 196 30.35 -15.18 0.72
C THR A 196 29.81 -16.26 -0.21
N GLU A 197 28.49 -16.37 -0.38
CA GLU A 197 27.91 -17.37 -1.28
C GLU A 197 27.15 -16.74 -2.42
N GLY A 198 27.33 -15.44 -2.64
CA GLY A 198 26.80 -14.76 -3.81
C GLY A 198 25.31 -14.55 -3.81
N VAL A 199 24.61 -14.80 -2.69
CA VAL A 199 23.15 -14.67 -2.70
C VAL A 199 22.78 -13.20 -2.84
N LYS A 200 21.81 -12.91 -3.71
CA LYS A 200 21.28 -11.57 -3.91
C LYS A 200 19.83 -11.61 -3.42
N TRP A 201 19.63 -11.19 -2.17
CA TRP A 201 18.31 -11.28 -1.54
C TRP A 201 17.32 -10.33 -2.19
N THR A 202 16.07 -10.78 -2.24
CA THR A 202 14.88 -10.00 -2.57
C THR A 202 13.83 -10.35 -1.54
N PRO A 203 12.72 -9.60 -1.50
CA PRO A 203 11.65 -10.00 -0.57
C PRO A 203 11.19 -11.43 -0.77
N SER A 204 10.90 -11.86 -1.99
CA SER A 204 10.35 -13.20 -2.15
C SER A 204 11.34 -14.25 -1.67
N LYS A 205 12.62 -14.01 -1.92
CA LYS A 205 13.62 -15.00 -1.53
C LYS A 205 13.76 -15.04 -0.02
N MET A 206 13.69 -13.87 0.63
CA MET A 206 13.66 -13.82 2.08
C MET A 206 12.42 -14.51 2.64
N ILE A 207 11.27 -14.26 2.04
CA ILE A 207 10.04 -14.86 2.55
C ILE A 207 10.09 -16.38 2.45
N ALA A 208 10.64 -16.88 1.35
CA ALA A 208 10.82 -18.34 1.23
C ALA A 208 11.71 -18.87 2.35
N ARG A 209 12.81 -18.17 2.64
CA ARG A 209 13.72 -18.64 3.67
C ARG A 209 13.08 -18.57 5.05
N LEU A 210 12.34 -17.51 5.34
CA LEU A 210 11.67 -17.44 6.64
C LEU A 210 10.65 -18.56 6.81
N GLY A 211 9.91 -18.88 5.76
CA GLY A 211 8.97 -20.00 5.84
C GLY A 211 9.67 -21.32 6.10
N LYS A 212 10.81 -21.56 5.45
CA LYS A 212 11.55 -22.79 5.73
C LYS A 212 12.04 -22.82 7.17
N GLU A 213 12.55 -21.69 7.66
CA GLU A 213 13.06 -21.65 9.04
C GLU A 213 11.94 -21.83 10.06
N ILE A 214 10.75 -21.25 9.82
CA ILE A 214 9.73 -21.34 10.84
C ILE A 214 9.28 -22.78 11.02
N ASN A 215 9.32 -23.58 9.96
CA ASN A 215 9.26 -25.04 10.04
C ASN A 215 8.07 -25.51 10.87
N ASN A 216 6.91 -24.99 10.53
CA ASN A 216 5.69 -25.16 11.31
C ASN A 216 4.52 -25.26 10.35
N PRO A 217 3.73 -26.33 10.41
CA PRO A 217 2.66 -26.53 9.42
C PRO A 217 1.48 -25.60 9.59
N GLU A 218 1.47 -24.76 10.63
CA GLU A 218 0.44 -23.72 10.77
C GLU A 218 0.77 -22.47 9.99
N SER A 219 1.97 -22.38 9.45
CA SER A 219 2.45 -21.19 8.78
C SER A 219 2.14 -21.20 7.29
N VAL A 220 1.56 -20.10 6.81
CA VAL A 220 1.36 -19.92 5.38
C VAL A 220 2.67 -20.09 4.63
N TYR A 221 3.72 -19.40 5.09
CA TYR A 221 4.95 -19.31 4.30
C TYR A 221 5.80 -20.54 4.43
N TYR A 222 5.62 -21.33 5.49
CA TYR A 222 6.19 -22.66 5.49
C TYR A 222 5.66 -23.46 4.30
N TRP A 223 4.33 -23.48 4.14
CA TRP A 223 3.75 -24.21 3.03
C TRP A 223 4.10 -23.58 1.68
N ALA A 224 4.11 -22.24 1.58
CA ALA A 224 4.42 -21.63 0.30
C ALA A 224 5.79 -22.07 -0.23
N GLN A 225 6.82 -22.02 0.62
CA GLN A 225 8.15 -22.38 0.14
C GLN A 225 8.23 -23.88 -0.15
N LYS A 226 7.55 -24.69 0.65
CA LYS A 226 7.59 -26.13 0.41
C LYS A 226 6.93 -26.50 -0.92
N ASN A 227 5.91 -25.74 -1.33
CA ASN A 227 5.16 -26.00 -2.55
C ASN A 227 5.63 -25.13 -3.71
N HIS A 228 6.70 -24.35 -3.54
CA HIS A 228 7.28 -23.51 -4.60
C HIS A 228 6.29 -22.46 -5.08
N ILE A 229 5.54 -21.90 -4.13
CA ILE A 229 4.64 -20.78 -4.37
C ILE A 229 5.38 -19.50 -3.96
N PRO A 230 5.74 -18.62 -4.91
CA PRO A 230 6.47 -17.41 -4.54
C PRO A 230 5.55 -16.41 -3.85
N VAL A 231 6.14 -15.59 -2.98
CA VAL A 231 5.44 -14.53 -2.26
C VAL A 231 6.12 -13.21 -2.56
N PHE A 232 5.38 -12.25 -3.10
CA PHE A 232 5.91 -10.93 -3.43
C PHE A 232 5.40 -9.94 -2.42
N SER A 233 6.26 -9.02 -2.00
CA SER A 233 6.02 -8.04 -0.96
C SER A 233 7.05 -6.93 -1.13
N PRO A 234 6.84 -6.03 -2.10
CA PRO A 234 7.93 -5.11 -2.46
C PRO A 234 8.28 -4.13 -1.37
N ALA A 235 7.37 -3.79 -0.47
CA ALA A 235 7.69 -2.93 0.67
C ALA A 235 7.84 -3.76 1.96
N LEU A 236 8.67 -4.81 1.90
CA LEU A 236 8.82 -5.75 3.01
C LEU A 236 9.39 -5.09 4.26
N THR A 237 9.99 -3.89 4.14
CA THR A 237 10.50 -3.15 5.29
C THR A 237 9.41 -2.42 6.10
N ASP A 238 8.16 -2.45 5.68
CA ASP A 238 7.13 -1.61 6.32
C ASP A 238 6.40 -2.41 7.38
N GLY A 239 7.04 -2.61 8.51
CA GLY A 239 6.49 -3.40 9.59
C GLY A 239 7.57 -3.84 10.56
N SER A 240 7.24 -4.88 11.33
CA SER A 240 8.17 -5.36 12.36
CA SER A 240 8.17 -5.36 12.36
C SER A 240 9.39 -6.03 11.74
N LEU A 241 9.22 -6.77 10.65
CA LEU A 241 10.40 -7.31 9.98
CA LEU A 241 10.39 -7.30 9.96
C LEU A 241 11.35 -6.18 9.62
N GLY A 242 10.80 -5.04 9.22
CA GLY A 242 11.65 -3.89 8.96
C GLY A 242 12.35 -3.40 10.21
N ASP A 243 11.61 -3.24 11.30
CA ASP A 243 12.24 -2.89 12.56
C ASP A 243 13.44 -3.78 12.82
N MET A 244 13.23 -5.08 12.68
CA MET A 244 14.28 -6.04 13.05
C MET A 244 15.46 -5.94 12.11
N ILE A 245 15.18 -5.79 10.81
CA ILE A 245 16.27 -5.62 9.85
C ILE A 245 17.08 -4.38 10.20
N PHE A 246 16.36 -3.30 10.54
CA PHE A 246 16.96 -2.04 10.95
C PHE A 246 17.87 -2.24 12.16
N PHE A 247 17.33 -2.80 13.25
CA PHE A 247 18.15 -2.99 14.45
C PHE A 247 19.32 -3.92 14.13
N HIS A 248 19.03 -5.02 13.46
CA HIS A 248 20.08 -5.97 13.12
C HIS A 248 21.21 -5.28 12.35
N SER A 249 20.87 -4.32 11.50
CA SER A 249 21.90 -3.77 10.63
C SER A 249 22.95 -2.96 11.38
N TYR A 250 22.63 -2.50 12.59
CA TYR A 250 23.62 -1.80 13.38
C TYR A 250 24.53 -2.74 14.18
N LYS A 251 24.16 -4.01 14.27
CA LYS A 251 24.99 -5.09 14.81
C LYS A 251 25.75 -5.85 13.74
N ASN A 252 25.22 -5.91 12.52
CA ASN A 252 25.72 -6.80 11.47
C ASN A 252 25.37 -6.14 10.15
N PRO A 253 26.15 -5.16 9.73
CA PRO A 253 25.72 -4.33 8.59
C PRO A 253 25.80 -5.08 7.27
N GLY A 254 25.06 -4.60 6.30
CA GLY A 254 25.26 -5.02 4.92
C GLY A 254 24.10 -5.67 4.22
N LEU A 255 23.05 -6.12 4.90
CA LEU A 255 21.98 -6.82 4.19
C LEU A 255 21.40 -5.88 3.14
N VAL A 256 21.19 -6.40 1.93
CA VAL A 256 20.52 -5.68 0.86
C VAL A 256 19.29 -6.47 0.44
N LEU A 257 18.16 -5.77 0.24
CA LEU A 257 16.96 -6.39 -0.32
C LEU A 257 16.60 -5.66 -1.61
N ASP A 258 16.78 -6.32 -2.74
CA ASP A 258 16.53 -5.73 -4.05
C ASP A 258 15.08 -5.97 -4.46
N ILE A 259 14.40 -4.91 -4.90
CA ILE A 259 13.04 -5.11 -5.41
C ILE A 259 12.99 -5.25 -6.93
N VAL A 260 14.07 -4.98 -7.64
CA VAL A 260 14.02 -5.07 -9.10
C VAL A 260 13.88 -6.52 -9.57
N GLU A 261 14.73 -7.42 -9.07
CA GLU A 261 14.60 -8.81 -9.51
C GLU A 261 13.22 -9.37 -9.16
N ASP A 262 12.62 -8.95 -8.03
CA ASP A 262 11.29 -9.46 -7.69
C ASP A 262 10.22 -8.92 -8.66
N LEU A 263 10.41 -7.72 -9.20
CA LEU A 263 9.51 -7.25 -10.25
C LEU A 263 9.59 -8.16 -11.47
N ARG A 264 10.81 -8.50 -11.88
CA ARG A 264 10.97 -9.43 -12.99
C ARG A 264 10.26 -10.76 -12.70
N LEU A 265 10.41 -11.28 -11.49
CA LEU A 265 9.84 -12.58 -11.17
C LEU A 265 8.31 -12.55 -11.20
N ILE A 266 7.68 -11.52 -10.63
CA ILE A 266 6.22 -11.57 -10.62
C ILE A 266 5.67 -11.37 -12.03
N ASN A 267 6.24 -10.42 -12.78
CA ASN A 267 5.73 -10.15 -14.13
C ASN A 267 5.86 -11.38 -15.01
N THR A 268 6.97 -12.14 -14.88
CA THR A 268 7.10 -13.29 -15.76
C THR A 268 6.10 -14.38 -15.42
N GLN A 269 5.62 -14.43 -14.17
CA GLN A 269 4.57 -15.38 -13.84
C GLN A 269 3.30 -15.11 -14.65
N ALA A 270 2.98 -13.83 -14.88
CA ALA A 270 1.83 -13.51 -15.72
C ALA A 270 2.15 -13.74 -17.18
N ILE A 271 3.34 -13.31 -17.62
CA ILE A 271 3.61 -13.32 -19.06
C ILE A 271 3.54 -14.72 -19.63
N PHE A 272 4.08 -15.70 -18.89
CA PHE A 272 4.15 -17.06 -19.42
C PHE A 272 3.04 -17.96 -18.89
N ALA A 273 1.95 -17.37 -18.46
CA ALA A 273 0.77 -18.11 -18.07
C ALA A 273 -0.08 -18.41 -19.29
N LYS A 274 -0.72 -19.59 -19.28
CA LYS A 274 -1.70 -19.91 -20.30
C LYS A 274 -3.02 -19.21 -20.02
N CYS A 275 -3.30 -18.95 -18.76
CA CYS A 275 -4.54 -18.39 -18.24
C CYS A 275 -4.18 -17.82 -16.88
N THR A 276 -4.86 -16.74 -16.46
CA THR A 276 -4.64 -16.22 -15.13
C THR A 276 -5.96 -15.84 -14.49
N GLY A 277 -6.02 -16.02 -13.18
CA GLY A 277 -7.11 -15.48 -12.38
C GLY A 277 -6.51 -14.71 -11.22
N MET A 278 -7.22 -13.67 -10.80
CA MET A 278 -6.82 -12.83 -9.68
C MET A 278 -7.91 -12.92 -8.61
N ILE A 279 -7.51 -13.22 -7.39
CA ILE A 279 -8.40 -13.20 -6.22
C ILE A 279 -7.75 -12.24 -5.25
N ILE A 280 -8.35 -11.08 -5.03
CA ILE A 280 -7.68 -10.01 -4.30
C ILE A 280 -8.55 -9.59 -3.14
N LEU A 281 -8.03 -9.75 -1.92
CA LEU A 281 -8.70 -9.38 -0.69
C LEU A 281 -8.08 -8.07 -0.21
N GLY A 282 -8.88 -6.99 -0.18
CA GLY A 282 -8.32 -5.70 0.19
C GLY A 282 -7.71 -4.98 -1.00
N GLY A 283 -7.08 -3.84 -0.70
CA GLY A 283 -6.57 -2.99 -1.75
C GLY A 283 -5.09 -2.70 -1.60
N GLY A 284 -4.69 -1.47 -1.88
CA GLY A 284 -3.32 -1.06 -1.65
C GLY A 284 -2.34 -1.69 -2.65
N VAL A 285 -1.25 -1.89 -2.36
CA VAL A 285 -0.03 -2.33 -3.06
C VAL A 285 -0.51 -3.81 -3.71
N VAL A 286 -0.98 -4.56 -2.77
N VAL A 286 -1.02 -4.55 -2.78
CA VAL A 286 -1.24 -5.93 -3.18
CA VAL A 286 -1.22 -5.94 -3.19
C VAL A 286 -2.10 -5.95 -4.43
C VAL A 286 -2.16 -6.03 -4.38
N LYS A 287 -3.18 -5.16 -4.42
CA LYS A 287 -4.14 -5.21 -5.50
C LYS A 287 -3.54 -4.66 -6.78
N HIS A 288 -2.79 -3.57 -6.67
CA HIS A 288 -2.19 -3.00 -7.88
C HIS A 288 -1.08 -3.88 -8.43
N HIS A 289 -0.28 -4.46 -7.53
CA HIS A 289 0.87 -5.25 -7.97
C HIS A 289 0.43 -6.47 -8.77
N ILE A 290 -0.62 -7.15 -8.30
CA ILE A 290 -1.14 -8.30 -9.03
C ILE A 290 -1.74 -7.85 -10.36
N ALA A 291 -2.56 -6.80 -10.35
CA ALA A 291 -3.21 -6.38 -11.58
C ALA A 291 -2.19 -5.86 -12.59
N ASN A 292 -1.15 -5.16 -12.12
CA ASN A 292 -0.17 -4.63 -13.06
C ASN A 292 0.66 -5.73 -13.69
N ALA A 293 1.00 -6.77 -12.93
CA ALA A 293 1.66 -7.94 -13.51
C ALA A 293 0.81 -8.52 -14.63
N ASN A 294 -0.50 -8.53 -14.46
CA ASN A 294 -1.37 -9.13 -15.46
C ASN A 294 -1.56 -8.23 -16.68
N LEU A 295 -1.30 -6.93 -16.55
CA LEU A 295 -1.24 -6.07 -17.72
C LEU A 295 -0.21 -6.56 -18.72
N MET A 296 0.88 -7.15 -18.23
CA MET A 296 1.97 -7.57 -19.11
CA MET A 296 1.97 -7.57 -19.11
C MET A 296 1.54 -8.66 -20.08
N ARG A 297 0.44 -9.36 -19.80
CA ARG A 297 -0.10 -10.35 -20.72
C ARG A 297 -1.37 -9.83 -21.38
N ASN A 298 -1.64 -8.53 -21.27
CA ASN A 298 -2.82 -7.86 -21.77
C ASN A 298 -4.07 -8.31 -21.02
N GLY A 299 -3.90 -8.75 -19.78
CA GLY A 299 -5.03 -8.79 -18.87
C GLY A 299 -5.34 -10.16 -18.32
N ALA A 300 -5.90 -10.18 -17.11
CA ALA A 300 -6.33 -11.42 -16.49
C ALA A 300 -7.60 -11.95 -17.13
N ASP A 301 -7.75 -13.27 -17.10
CA ASP A 301 -8.92 -13.94 -17.64
C ASP A 301 -10.07 -13.97 -16.65
N TYR A 302 -9.78 -14.01 -15.35
CA TYR A 302 -10.78 -14.04 -14.29
C TYR A 302 -10.30 -13.13 -13.18
N ALA A 303 -11.24 -12.47 -12.50
CA ALA A 303 -10.86 -11.58 -11.42
C ALA A 303 -12.00 -11.47 -10.43
N VAL A 304 -11.68 -11.63 -9.14
CA VAL A 304 -12.61 -11.38 -8.04
C VAL A 304 -11.93 -10.44 -7.08
N TYR A 305 -12.56 -9.29 -6.81
CA TYR A 305 -12.16 -8.39 -5.73
C TYR A 305 -13.11 -8.57 -4.56
N ILE A 306 -12.57 -8.67 -3.35
CA ILE A 306 -13.36 -8.52 -2.12
C ILE A 306 -12.74 -7.39 -1.31
N ASN A 307 -13.38 -6.22 -1.25
CA ASN A 307 -12.78 -5.18 -0.43
C ASN A 307 -13.84 -4.16 -0.05
N THR A 308 -13.49 -3.39 0.94
CA THR A 308 -14.38 -2.39 1.53
C THR A 308 -14.12 -0.99 1.01
N ALA A 309 -13.28 -0.83 0.00
CA ALA A 309 -12.97 0.49 -0.51
C ALA A 309 -14.06 0.96 -1.48
N GLN A 310 -14.09 2.26 -1.74
CA GLN A 310 -15.06 2.82 -2.68
C GLN A 310 -14.36 3.70 -3.70
N GLU A 311 -15.00 3.92 -4.84
CA GLU A 311 -14.27 4.57 -5.92
C GLU A 311 -14.15 6.06 -5.75
N PHE A 312 -15.05 6.70 -4.96
CA PHE A 312 -15.25 8.13 -5.08
C PHE A 312 -14.00 8.96 -4.78
N ASP A 313 -13.04 8.42 -4.04
CA ASP A 313 -11.85 9.17 -3.64
C ASP A 313 -10.72 9.02 -4.64
N GLY A 314 -11.00 8.41 -5.79
CA GLY A 314 -9.99 8.25 -6.82
C GLY A 314 -8.96 7.19 -6.49
N SER A 315 -9.18 6.45 -5.41
CA SER A 315 -8.14 5.53 -4.93
C SER A 315 -8.00 4.31 -5.84
N ASP A 316 -6.80 3.71 -5.82
CA ASP A 316 -6.67 2.45 -6.52
C ASP A 316 -7.40 1.35 -5.76
N SER A 317 -7.31 1.36 -4.43
CA SER A 317 -8.04 0.39 -3.63
C SER A 317 -9.49 0.32 -4.04
N GLY A 318 -10.12 1.49 -4.21
CA GLY A 318 -11.53 1.57 -4.48
C GLY A 318 -11.91 1.47 -5.93
N ALA A 319 -10.93 1.38 -6.84
CA ALA A 319 -11.26 1.31 -8.25
C ALA A 319 -12.04 0.03 -8.54
N ARG A 320 -13.12 0.17 -9.31
CA ARG A 320 -13.90 -1.00 -9.73
C ARG A 320 -13.12 -1.81 -10.75
N PRO A 321 -13.45 -3.11 -10.89
CA PRO A 321 -12.79 -3.91 -11.93
C PRO A 321 -12.81 -3.26 -13.29
N ASP A 322 -13.85 -2.49 -13.60
CA ASP A 322 -13.95 -1.92 -14.93
C ASP A 322 -12.96 -0.79 -15.13
N GLU A 323 -12.46 -0.18 -14.06
CA GLU A 323 -11.32 0.72 -14.24
C GLU A 323 -10.13 -0.06 -14.77
N ALA A 324 -9.87 -1.23 -14.20
CA ALA A 324 -8.70 -2.02 -14.62
C ALA A 324 -8.80 -2.44 -16.07
N VAL A 325 -10.03 -2.63 -16.56
CA VAL A 325 -10.22 -2.99 -17.96
C VAL A 325 -9.69 -1.89 -18.87
N SER A 326 -9.86 -0.61 -18.46
CA SER A 326 -9.39 0.50 -19.31
C SER A 326 -7.88 0.45 -19.51
N TRP A 327 -7.14 -0.06 -18.52
CA TRP A 327 -5.68 -0.16 -18.63
C TRP A 327 -5.19 -1.40 -19.35
N GLY A 328 -6.03 -2.41 -19.52
CA GLY A 328 -5.58 -3.71 -19.99
C GLY A 328 -5.18 -4.69 -18.91
N LYS A 329 -5.49 -4.40 -17.63
CA LYS A 329 -5.17 -5.29 -16.53
C LYS A 329 -6.15 -6.45 -16.43
N ILE A 330 -7.35 -6.26 -16.95
CA ILE A 330 -8.40 -7.28 -17.01
C ILE A 330 -8.89 -7.32 -18.45
N ARG A 331 -8.97 -8.52 -19.02
CA ARG A 331 -9.35 -8.63 -20.42
C ARG A 331 -10.76 -8.07 -20.61
N VAL A 332 -11.00 -7.51 -21.79
CA VAL A 332 -12.32 -6.93 -22.07
CA VAL A 332 -12.31 -6.93 -22.07
C VAL A 332 -13.40 -8.00 -22.07
N ASP A 333 -13.03 -9.23 -22.39
CA ASP A 333 -13.99 -10.33 -22.46
C ASP A 333 -14.20 -11.04 -21.12
N ALA A 334 -13.49 -10.63 -20.08
CA ALA A 334 -13.68 -11.26 -18.78
C ALA A 334 -14.97 -10.75 -18.13
N GLN A 335 -15.41 -11.49 -17.10
CA GLN A 335 -16.59 -11.13 -16.32
C GLN A 335 -16.15 -10.98 -14.86
N PRO A 336 -15.40 -9.92 -14.56
CA PRO A 336 -14.91 -9.74 -13.20
C PRO A 336 -16.04 -9.36 -12.25
N VAL A 337 -15.79 -9.61 -10.97
CA VAL A 337 -16.79 -9.38 -9.93
C VAL A 337 -16.12 -8.73 -8.72
N LYS A 338 -16.78 -7.74 -8.14
CA LYS A 338 -16.35 -7.21 -6.85
C LYS A 338 -17.45 -7.46 -5.82
N VAL A 339 -17.04 -7.96 -4.66
CA VAL A 339 -17.92 -8.06 -3.50
C VAL A 339 -17.50 -6.97 -2.53
N TYR A 340 -18.45 -6.10 -2.16
CA TYR A 340 -18.16 -4.97 -1.27
C TYR A 340 -18.41 -5.43 0.16
N ALA A 341 -17.35 -5.83 0.85
CA ALA A 341 -17.54 -6.42 2.16
C ALA A 341 -16.20 -6.68 2.83
N ASP A 342 -16.25 -6.79 4.15
CA ASP A 342 -15.11 -7.25 4.96
C ASP A 342 -14.81 -8.69 4.62
N ALA A 343 -13.58 -8.96 4.16
CA ALA A 343 -13.24 -10.31 3.76
C ALA A 343 -13.22 -11.31 4.90
N SER A 344 -13.12 -10.85 6.16
CA SER A 344 -13.17 -11.78 7.27
C SER A 344 -14.52 -12.46 7.33
N LEU A 345 -15.58 -11.80 6.84
CA LEU A 345 -16.89 -12.42 6.78
C LEU A 345 -17.01 -13.32 5.56
N VAL A 346 -16.54 -12.86 4.40
CA VAL A 346 -16.90 -13.45 3.13
C VAL A 346 -15.89 -14.50 2.63
N PHE A 347 -14.62 -14.34 2.93
CA PHE A 347 -13.66 -15.24 2.27
C PHE A 347 -13.81 -16.69 2.73
N PRO A 348 -14.01 -16.99 4.01
CA PRO A 348 -14.19 -18.41 4.39
C PRO A 348 -15.39 -19.02 3.70
N LEU A 349 -16.49 -18.27 3.55
CA LEU A 349 -17.64 -18.80 2.84
C LEU A 349 -17.32 -19.05 1.39
N LEU A 350 -16.57 -18.14 0.77
CA LEU A 350 -16.21 -18.32 -0.63
C LEU A 350 -15.38 -19.57 -0.83
N VAL A 351 -14.40 -19.78 0.06
CA VAL A 351 -13.56 -20.98 -0.06
C VAL A 351 -14.40 -22.23 0.15
N ALA A 352 -15.32 -22.18 1.11
CA ALA A 352 -16.17 -23.34 1.36
C ALA A 352 -16.91 -23.76 0.10
N GLU A 353 -17.33 -22.80 -0.72
CA GLU A 353 -18.15 -23.08 -1.88
C GLU A 353 -17.33 -23.29 -3.14
N THR A 354 -16.02 -23.13 -3.06
CA THR A 354 -15.19 -23.28 -4.24
C THR A 354 -14.05 -24.26 -3.98
N PHE A 355 -12.90 -23.73 -3.58
CA PHE A 355 -11.70 -24.57 -3.47
C PHE A 355 -11.95 -25.79 -2.59
N ALA A 356 -12.66 -25.62 -1.47
CA ALA A 356 -12.80 -26.73 -0.53
C ALA A 356 -13.70 -27.82 -1.08
N GLN A 357 -14.58 -27.50 -2.03
CA GLN A 357 -15.36 -28.54 -2.67
C GLN A 357 -14.54 -29.34 -3.66
N LYS A 358 -13.45 -28.76 -4.17
CA LYS A 358 -12.65 -29.42 -5.20
C LYS A 358 -11.39 -30.06 -4.65
N MET A 359 -11.31 -30.33 -3.35
CA MET A 359 -10.01 -30.79 -2.89
C MET A 359 -9.68 -32.18 -3.40
N ASP A 360 -10.68 -33.01 -3.73
CA ASP A 360 -10.35 -34.33 -4.26
C ASP A 360 -9.61 -34.21 -5.59
N ALA A 361 -10.01 -33.26 -6.44
CA ALA A 361 -9.27 -33.02 -7.68
C ALA A 361 -7.86 -32.52 -7.37
N PHE A 362 -7.69 -31.70 -6.35
CA PHE A 362 -6.36 -31.21 -6.02
C PHE A 362 -5.52 -32.26 -5.32
N MET A 363 -5.80 -33.54 -5.53
CA MET A 363 -4.89 -34.60 -5.11
C MET A 363 -5.22 -35.90 -5.84
N SER B 28 -17.05 25.74 27.53
CA SER B 28 -17.44 24.77 26.50
C SER B 28 -18.07 25.47 25.30
N THR B 29 -17.75 24.99 24.10
CA THR B 29 -17.99 25.76 22.87
C THR B 29 -19.29 25.37 22.20
N GLN B 30 -20.04 26.37 21.78
CA GLN B 30 -21.37 26.18 21.24
C GLN B 30 -21.31 25.93 19.74
N VAL B 31 -22.24 25.08 19.28
CA VAL B 31 -22.39 24.88 17.84
C VAL B 31 -22.99 26.12 17.21
N ARG B 32 -22.37 26.60 16.13
CA ARG B 32 -22.87 27.77 15.41
C ARG B 32 -22.16 27.81 14.07
N GLY B 33 -22.94 27.87 13.00
CA GLY B 33 -22.40 27.96 11.66
C GLY B 33 -22.17 29.39 11.22
N TYR B 34 -21.45 29.51 10.10
CA TYR B 34 -21.21 30.83 9.49
C TYR B 34 -22.54 31.43 9.07
N ASP B 35 -22.73 32.72 9.38
CA ASP B 35 -23.97 33.44 9.04
C ASP B 35 -23.74 34.27 7.79
N PHE B 36 -24.29 33.82 6.67
CA PHE B 36 -24.06 34.51 5.40
C PHE B 36 -24.74 35.87 5.33
N ASN B 37 -25.53 36.26 6.33
CA ASN B 37 -25.97 37.65 6.37
C ASN B 37 -24.79 38.61 6.55
N ARG B 38 -23.63 38.08 6.96
CA ARG B 38 -22.43 38.91 7.06
C ARG B 38 -21.77 39.14 5.71
N GLY B 39 -22.31 38.56 4.64
CA GLY B 39 -21.64 38.59 3.36
C GLY B 39 -20.71 37.40 3.27
N VAL B 40 -19.99 37.33 2.19
CA VAL B 40 -19.10 36.20 2.06
C VAL B 40 -17.70 36.65 2.44
N ASN B 41 -17.39 36.49 3.72
CA ASN B 41 -16.08 36.76 4.30
C ASN B 41 -15.38 35.41 4.37
N TYR B 42 -14.59 35.10 3.36
CA TYR B 42 -14.02 33.77 3.27
C TYR B 42 -13.19 33.30 4.44
N ARG B 43 -12.31 34.11 4.97
CA ARG B 43 -11.56 33.66 6.14
C ARG B 43 -12.51 33.30 7.28
N ALA B 44 -13.52 34.15 7.52
CA ALA B 44 -14.45 33.88 8.61
C ALA B 44 -15.28 32.63 8.33
N LEU B 45 -15.62 32.40 7.06
CA LEU B 45 -16.34 31.18 6.70
CA LEU B 45 -16.34 31.18 6.70
C LEU B 45 -15.51 29.94 7.02
N LEU B 46 -14.22 29.98 6.70
CA LEU B 46 -13.37 28.84 7.01
CA LEU B 46 -13.38 28.83 7.01
C LEU B 46 -13.17 28.70 8.52
N GLU B 47 -13.03 29.82 9.23
CA GLU B 47 -12.84 29.72 10.68
C GLU B 47 -14.06 29.12 11.34
N ALA B 48 -15.24 29.31 10.74
CA ALA B 48 -16.48 28.79 11.30
C ALA B 48 -16.60 27.28 11.19
N PHE B 49 -15.75 26.61 10.41
CA PHE B 49 -15.77 25.15 10.37
CA PHE B 49 -15.87 25.17 10.39
C PHE B 49 -15.67 24.58 11.78
N GLY B 50 -14.81 25.20 12.59
CA GLY B 50 -14.55 24.70 13.92
C GLY B 50 -15.77 24.51 14.79
N THR B 51 -16.76 25.40 14.66
CA THR B 51 -17.97 25.31 15.48
C THR B 51 -19.16 24.76 14.69
N THR B 52 -18.93 24.26 13.48
CA THR B 52 -20.05 23.73 12.68
C THR B 52 -20.37 22.28 13.01
N GLY B 53 -19.42 21.50 13.50
CA GLY B 53 -19.72 20.14 13.90
C GLY B 53 -19.28 19.09 12.87
N PHE B 54 -19.41 17.82 13.28
CA PHE B 54 -19.05 16.62 12.48
C PHE B 54 -17.67 16.87 11.86
N GLN B 55 -17.48 16.61 10.55
CA GLN B 55 -16.12 16.72 10.01
C GLN B 55 -15.70 18.15 9.81
N ALA B 56 -16.62 19.13 9.81
CA ALA B 56 -16.15 20.50 9.79
C ALA B 56 -15.37 20.81 11.06
N THR B 57 -15.86 20.33 12.19
CA THR B 57 -15.13 20.56 13.43
C THR B 57 -13.78 19.85 13.41
N ASN B 58 -13.74 18.65 12.85
CA ASN B 58 -12.43 17.98 12.81
C ASN B 58 -11.47 18.73 11.90
N PHE B 59 -11.98 19.36 10.83
CA PHE B 59 -11.16 20.21 9.99
C PHE B 59 -10.58 21.37 10.79
N GLY B 60 -11.41 22.07 11.57
CA GLY B 60 -10.87 23.14 12.39
C GLY B 60 -9.80 22.64 13.35
N ARG B 61 -10.00 21.45 13.92
N ARG B 61 -10.00 21.44 13.90
CA ARG B 61 -9.02 20.88 14.83
CA ARG B 61 -9.04 20.87 14.84
C ARG B 61 -7.72 20.58 14.08
C ARG B 61 -7.76 20.44 14.13
N ALA B 62 -7.85 20.14 12.84
CA ALA B 62 -6.66 19.84 12.05
C ALA B 62 -5.89 21.11 11.73
N VAL B 63 -6.60 22.19 11.40
CA VAL B 63 -5.94 23.48 11.24
C VAL B 63 -5.15 23.80 12.49
N GLN B 64 -5.75 23.62 13.66
CA GLN B 64 -5.03 23.95 14.88
C GLN B 64 -3.80 23.07 15.09
N GLN B 65 -3.91 21.78 14.81
CA GLN B 65 -2.77 20.85 14.97
C GLN B 65 -1.63 21.20 14.02
N VAL B 66 -1.96 21.47 12.75
CA VAL B 66 -0.92 21.86 11.80
C VAL B 66 -0.32 23.20 12.18
N ASN B 67 -1.14 24.18 12.61
CA ASN B 67 -0.52 25.42 13.01
C ASN B 67 0.40 25.25 14.23
N ALA B 68 0.06 24.32 15.12
CA ALA B 68 0.96 24.02 16.23
C ALA B 68 2.25 23.40 15.71
N MET B 69 2.17 22.48 14.75
CA MET B 69 3.39 21.96 14.13
C MET B 69 4.25 23.08 13.59
N ILE B 70 3.62 24.01 12.88
CA ILE B 70 4.37 25.07 12.23
C ILE B 70 4.99 25.99 13.29
N GLU B 71 4.21 26.37 14.31
CA GLU B 71 4.76 27.25 15.33
C GLU B 71 5.96 26.60 16.01
N LYS B 72 5.88 25.30 16.30
CA LYS B 72 7.02 24.63 16.89
CA LYS B 72 7.02 24.61 16.88
C LYS B 72 8.20 24.61 15.92
N LYS B 73 7.95 24.31 14.65
CA LYS B 73 9.04 24.29 13.68
C LYS B 73 9.76 25.62 13.61
N LEU B 74 9.02 26.73 13.73
CA LEU B 74 9.67 28.03 13.59
C LEU B 74 10.33 28.55 14.86
N GLU B 75 10.16 27.86 15.97
N GLU B 75 10.15 27.87 15.99
CA GLU B 75 10.89 28.19 17.19
CA GLU B 75 10.89 28.26 17.18
C GLU B 75 12.39 27.94 17.01
C GLU B 75 12.38 27.98 16.98
N PRO B 76 13.25 28.82 17.54
CA PRO B 76 14.69 28.62 17.36
C PRO B 76 15.19 27.41 18.14
N LEU B 77 16.27 26.82 17.66
CA LEU B 77 16.85 25.68 18.35
C LEU B 77 17.77 26.15 19.48
N SER B 78 17.74 25.39 20.58
CA SER B 78 18.67 25.58 21.68
C SER B 78 20.08 25.09 21.32
N GLN B 79 21.00 25.48 22.21
CA GLN B 79 22.31 24.84 22.34
C GLN B 79 22.27 23.33 22.18
N ASP B 80 21.66 22.72 23.20
CA ASP B 80 21.57 21.28 23.35
C ASP B 80 20.81 20.64 22.19
N GLU B 81 19.72 21.29 21.77
CA GLU B 81 18.97 20.81 20.64
C GLU B 81 19.78 21.00 19.36
N ARG B 91 22.08 17.04 4.81
CA ARG B 91 22.44 18.41 4.50
C ARG B 91 21.26 19.37 4.64
N ARG B 92 20.07 18.86 4.83
CA ARG B 92 18.92 19.72 5.07
C ARG B 92 19.11 20.48 6.38
N PRO B 93 18.79 21.77 6.42
CA PRO B 93 18.80 22.47 7.71
C PRO B 93 17.84 21.83 8.69
N LEU B 94 18.35 21.45 9.87
CA LEU B 94 17.48 20.99 10.93
C LEU B 94 16.64 22.15 11.45
N THR B 95 15.39 21.87 11.77
CA THR B 95 14.49 22.84 12.37
C THR B 95 13.99 22.31 13.70
N SER B 96 13.15 23.10 14.36
CA SER B 96 12.65 22.70 15.65
C SER B 96 11.54 21.66 15.57
N CYS B 97 11.05 21.34 14.38
CA CYS B 97 10.09 20.25 14.26
C CYS B 97 10.12 19.70 12.85
N THR B 98 10.25 18.38 12.74
CA THR B 98 10.40 17.71 11.47
C THR B 98 9.03 17.23 11.02
N ILE B 99 8.58 17.70 9.86
CA ILE B 99 7.24 17.38 9.37
C ILE B 99 7.34 16.37 8.24
N PHE B 100 6.66 15.25 8.43
CA PHE B 100 6.50 14.18 7.45
C PHE B 100 5.19 14.39 6.72
N LEU B 101 5.23 14.47 5.39
CA LEU B 101 4.05 14.57 4.55
C LEU B 101 3.93 13.29 3.76
N GLY B 102 2.82 12.59 3.93
CA GLY B 102 2.53 11.40 3.14
C GLY B 102 1.27 11.56 2.33
N TYR B 103 1.27 10.95 1.14
CA TYR B 103 0.09 10.99 0.27
C TYR B 103 0.05 9.77 -0.64
N THR B 104 -1.15 9.23 -0.86
CA THR B 104 -1.33 8.17 -1.82
C THR B 104 -1.10 8.67 -3.25
N SER B 105 -0.80 7.72 -4.15
CA SER B 105 -0.40 8.05 -5.51
C SER B 105 -1.45 8.85 -6.23
N ASN B 106 -2.70 8.46 -6.07
CA ASN B 106 -3.78 9.12 -6.80
C ASN B 106 -3.83 10.62 -6.52
N LEU B 107 -3.34 11.07 -5.35
CA LEU B 107 -3.38 12.51 -5.06
C LEU B 107 -2.41 13.26 -5.94
N ILE B 108 -1.38 12.59 -6.47
CA ILE B 108 -0.51 13.24 -7.45
C ILE B 108 -1.16 13.24 -8.83
N SER B 109 -2.05 12.28 -9.11
CA SER B 109 -2.84 12.36 -10.34
C SER B 109 -3.77 13.57 -10.29
N SER B 110 -4.26 13.88 -9.11
CA SER B 110 -5.17 14.99 -8.88
C SER B 110 -4.43 16.32 -8.89
N GLY B 111 -5.18 17.40 -8.70
CA GLY B 111 -4.49 18.68 -8.65
C GLY B 111 -3.87 19.00 -7.32
N ILE B 112 -4.06 18.13 -6.31
CA ILE B 112 -3.30 18.23 -5.08
C ILE B 112 -1.80 18.15 -5.34
N ARG B 113 -1.42 17.65 -6.52
CA ARG B 113 -0.02 17.71 -6.94
C ARG B 113 0.49 19.15 -6.83
N GLU B 114 -0.30 20.14 -7.16
CA GLU B 114 0.17 21.50 -7.04
C GLU B 114 0.32 21.95 -5.58
N THR B 115 -0.60 21.53 -4.73
CA THR B 115 -0.56 21.83 -3.34
C THR B 115 0.73 21.31 -2.75
N ILE B 116 1.02 20.03 -3.00
CA ILE B 116 2.24 19.41 -2.48
C ILE B 116 3.48 20.09 -3.04
N ARG B 117 3.47 20.39 -4.34
CA ARG B 117 4.62 21.08 -4.93
C ARG B 117 4.93 22.38 -4.20
N TYR B 118 3.91 23.18 -3.94
CA TYR B 118 4.11 24.45 -3.26
C TYR B 118 4.80 24.26 -1.91
N LEU B 119 4.34 23.30 -1.12
CA LEU B 119 4.91 23.09 0.21
C LEU B 119 6.37 22.65 0.11
N VAL B 120 6.65 21.81 -0.87
CA VAL B 120 8.01 21.30 -1.05
C VAL B 120 8.91 22.41 -1.56
N GLN B 121 8.39 23.18 -2.53
CA GLN B 121 9.13 24.30 -3.09
C GLN B 121 9.64 25.24 -2.01
N HIS B 122 8.83 25.49 -0.98
CA HIS B 122 9.14 26.48 0.04
C HIS B 122 9.63 25.84 1.33
N ASN B 123 10.11 24.60 1.25
CA ASN B 123 10.74 23.97 2.40
C ASN B 123 9.84 23.93 3.62
N MET B 124 8.54 23.75 3.42
CA MET B 124 7.62 23.75 4.54
C MET B 124 7.46 22.39 5.18
N VAL B 125 7.87 21.31 4.49
CA VAL B 125 7.84 19.97 5.06
C VAL B 125 9.22 19.39 4.86
N ASP B 126 9.52 18.32 5.60
CA ASP B 126 10.91 17.85 5.66
C ASP B 126 11.14 16.48 5.08
N VAL B 127 10.11 15.65 5.02
CA VAL B 127 10.21 14.29 4.51
C VAL B 127 8.95 14.01 3.72
N LEU B 128 9.08 13.44 2.52
CA LEU B 128 7.93 13.03 1.73
C LEU B 128 7.87 11.51 1.70
N VAL B 129 6.66 10.97 1.73
CA VAL B 129 6.44 9.54 1.50
C VAL B 129 5.26 9.37 0.56
N THR B 130 5.45 8.60 -0.49
CA THR B 130 4.39 8.34 -1.45
C THR B 130 4.64 7.01 -2.13
N THR B 131 3.56 6.41 -2.65
CA THR B 131 3.72 5.18 -3.43
C THR B 131 4.19 5.53 -4.84
N ALA B 132 4.45 4.50 -5.63
CA ALA B 132 5.22 4.69 -6.86
C ALA B 132 4.50 5.61 -7.85
N GLY B 133 3.20 5.41 -8.00
CA GLY B 133 2.42 6.28 -8.87
C GLY B 133 2.58 7.74 -8.52
N GLY B 134 2.69 8.03 -7.22
CA GLY B 134 2.93 9.38 -6.76
C GLY B 134 4.26 9.95 -7.12
N VAL B 135 5.22 9.13 -7.54
CA VAL B 135 6.47 9.65 -8.07
C VAL B 135 6.30 9.86 -9.56
N GLU B 136 5.95 8.80 -10.28
CA GLU B 136 6.02 8.84 -11.75
C GLU B 136 5.04 9.87 -12.34
N GLU B 137 3.83 9.98 -11.79
N GLU B 137 3.83 9.96 -11.80
CA GLU B 137 2.85 10.86 -12.43
CA GLU B 137 2.84 10.84 -12.41
C GLU B 137 3.21 12.32 -12.28
C GLU B 137 3.25 12.30 -12.30
N ASP B 138 3.98 12.67 -11.23
CA ASP B 138 4.51 14.02 -11.14
C ASP B 138 5.43 14.32 -12.30
N LEU B 139 6.31 13.37 -12.61
CA LEU B 139 7.22 13.53 -13.73
C LEU B 139 6.47 13.56 -15.05
N ILE B 140 5.53 12.62 -15.22
CA ILE B 140 4.80 12.53 -16.48
C ILE B 140 4.01 13.81 -16.75
N LYS B 141 3.48 14.43 -15.69
CA LYS B 141 2.75 15.68 -15.86
C LYS B 141 3.64 16.79 -16.42
N CYS B 142 4.95 16.66 -16.33
CA CYS B 142 5.82 17.64 -16.97
C CYS B 142 5.97 17.36 -18.46
N LEU B 143 5.57 16.17 -18.92
CA LEU B 143 5.67 15.81 -20.33
C LEU B 143 4.35 15.89 -21.07
N ALA B 144 3.22 15.70 -20.37
CA ALA B 144 1.89 15.69 -20.97
C ALA B 144 0.84 15.75 -19.86
N PRO B 145 -0.32 16.37 -20.09
CA PRO B 145 -1.27 16.56 -19.00
C PRO B 145 -2.21 15.38 -18.81
N THR B 146 -2.83 15.36 -17.65
CA THR B 146 -3.93 14.49 -17.26
C THR B 146 -5.22 15.27 -17.44
N TYR B 147 -6.29 14.56 -17.78
CA TYR B 147 -7.55 15.22 -18.14
C TYR B 147 -8.69 14.79 -17.25
N LEU B 148 -9.73 15.63 -17.23
CA LEU B 148 -10.93 15.34 -16.45
C LEU B 148 -11.84 14.39 -17.20
N GLY B 149 -12.45 13.46 -16.48
CA GLY B 149 -13.42 12.55 -17.07
C GLY B 149 -14.56 12.28 -16.10
N GLU B 150 -15.03 11.03 -16.04
CA GLU B 150 -16.07 10.62 -15.10
C GLU B 150 -15.75 9.21 -14.61
N PHE B 151 -16.25 8.87 -13.42
CA PHE B 151 -15.98 7.53 -12.88
C PHE B 151 -16.66 6.44 -13.68
N SER B 152 -17.74 6.75 -14.38
CA SER B 152 -18.58 5.73 -15.00
C SER B 152 -18.17 5.37 -16.42
N LEU B 153 -17.18 6.03 -17.00
CA LEU B 153 -16.78 5.68 -18.36
C LEU B 153 -16.35 4.22 -18.41
N ARG B 154 -16.76 3.53 -19.46
CA ARG B 154 -16.58 2.09 -19.54
C ARG B 154 -15.20 1.72 -20.08
N GLY B 155 -14.58 0.73 -19.43
CA GLY B 155 -13.19 0.42 -19.71
C GLY B 155 -12.97 -0.09 -21.11
N LYS B 156 -13.92 -0.87 -21.64
CA LYS B 156 -13.74 -1.42 -22.98
C LYS B 156 -13.50 -0.32 -23.99
N GLU B 157 -14.42 0.65 -24.07
N GLU B 157 -14.42 0.65 -24.07
CA GLU B 157 -14.28 1.71 -25.05
CA GLU B 157 -14.28 1.72 -25.05
C GLU B 157 -13.07 2.61 -24.76
C GLU B 157 -13.05 2.57 -24.75
N LEU B 158 -12.74 2.80 -23.47
CA LEU B 158 -11.54 3.54 -23.13
C LEU B 158 -10.29 2.82 -23.63
N ARG B 159 -10.19 1.52 -23.29
CA ARG B 159 -9.03 0.73 -23.70
C ARG B 159 -8.88 0.72 -25.21
N GLU B 160 -10.01 0.66 -25.92
CA GLU B 160 -9.95 0.62 -27.38
C GLU B 160 -9.33 1.89 -27.95
N ASN B 161 -9.49 3.02 -27.27
CA ASN B 161 -8.89 4.26 -27.71
C ASN B 161 -7.58 4.58 -27.00
N GLY B 162 -7.03 3.63 -26.26
CA GLY B 162 -5.78 3.88 -25.56
C GLY B 162 -5.88 4.98 -24.51
N ILE B 163 -6.97 5.01 -23.76
CA ILE B 163 -7.14 5.97 -22.68
C ILE B 163 -7.30 5.21 -21.37
N ASN B 164 -6.49 5.59 -20.38
CA ASN B 164 -6.44 4.91 -19.10
C ASN B 164 -7.15 5.75 -18.05
N ARG B 165 -7.96 5.10 -17.21
CA ARG B 165 -8.77 5.83 -16.24
C ARG B 165 -8.19 5.76 -14.84
N ILE B 166 -8.14 6.91 -14.18
CA ILE B 166 -7.74 7.04 -12.78
C ILE B 166 -8.90 7.76 -12.10
N GLY B 167 -9.85 7.01 -11.54
CA GLY B 167 -11.00 7.62 -10.91
C GLY B 167 -11.82 8.38 -11.93
N ASN B 168 -12.03 9.68 -11.72
CA ASN B 168 -12.70 10.48 -12.74
C ASN B 168 -11.71 11.28 -13.59
N LEU B 169 -10.48 10.79 -13.70
CA LEU B 169 -9.45 11.41 -14.51
C LEU B 169 -9.02 10.44 -15.61
N LEU B 170 -8.35 10.99 -16.62
CA LEU B 170 -7.99 10.21 -17.81
C LEU B 170 -6.56 10.53 -18.20
N VAL B 171 -5.80 9.48 -18.51
CA VAL B 171 -4.39 9.60 -18.93
CA VAL B 171 -4.41 9.64 -18.96
C VAL B 171 -4.24 8.87 -20.23
N PRO B 172 -3.92 9.56 -21.37
CA PRO B 172 -3.69 8.85 -22.63
C PRO B 172 -2.47 7.95 -22.50
N SER B 173 -2.49 6.85 -23.23
CA SER B 173 -1.38 5.93 -23.20
C SER B 173 -0.13 6.60 -23.72
N GLU B 174 -0.30 7.50 -24.65
CA GLU B 174 0.85 8.22 -25.19
C GLU B 174 1.65 8.90 -24.09
N ASN B 175 0.98 9.34 -23.02
CA ASN B 175 1.72 9.93 -21.90
C ASN B 175 2.85 9.00 -21.45
N TYR B 176 2.58 7.71 -21.39
CA TYR B 176 3.57 6.75 -20.90
C TYR B 176 4.64 6.47 -21.97
N LYS B 178 5.86 8.79 -23.86
CA LYS B 178 6.71 9.95 -23.65
C LYS B 178 7.60 9.70 -22.43
N PHE B 179 7.00 9.13 -21.39
CA PHE B 179 7.74 8.77 -20.19
C PHE B 179 8.84 7.78 -20.52
N GLU B 180 8.50 6.79 -21.35
CA GLU B 180 9.50 5.82 -21.75
C GLU B 180 10.68 6.49 -22.43
N ASP B 181 10.40 7.35 -23.40
CA ASP B 181 11.47 8.00 -24.15
C ASP B 181 12.34 8.85 -23.23
N TRP B 182 11.74 9.47 -22.24
CA TRP B 182 12.44 10.33 -21.30
C TRP B 182 13.25 9.50 -20.32
N LEU B 183 12.68 8.40 -19.83
CA LEU B 183 13.28 7.70 -18.71
C LEU B 183 14.39 6.74 -19.13
N MET B 184 14.28 6.12 -20.30
CA MET B 184 15.21 5.03 -20.61
C MET B 184 16.67 5.49 -20.60
N PRO B 185 17.03 6.65 -21.15
CA PRO B 185 18.45 7.06 -21.10
C PRO B 185 18.94 7.28 -19.68
N ILE B 186 18.04 7.65 -18.77
CA ILE B 186 18.40 7.82 -17.38
C ILE B 186 18.67 6.48 -16.73
N LEU B 187 17.82 5.49 -16.99
CA LEU B 187 18.12 4.15 -16.51
C LEU B 187 19.47 3.67 -17.03
N ASP B 188 19.80 3.99 -18.29
CA ASP B 188 21.10 3.63 -18.82
C ASP B 188 22.23 4.22 -17.97
N GLN B 189 22.11 5.49 -17.62
CA GLN B 189 23.15 6.15 -16.84
C GLN B 189 23.21 5.60 -15.41
N MET B 190 22.06 5.34 -14.78
CA MET B 190 22.09 4.81 -13.41
C MET B 190 22.80 3.45 -13.34
N VAL B 191 22.54 2.58 -14.32
CA VAL B 191 23.23 1.29 -14.36
C VAL B 191 24.74 1.49 -14.53
N MET B 192 25.12 2.36 -15.46
CA MET B 192 26.54 2.65 -15.66
C MET B 192 27.18 3.18 -14.37
N GLU B 193 26.53 4.13 -13.71
CA GLU B 193 27.04 4.65 -12.45
C GLU B 193 27.07 3.57 -11.37
N GLN B 194 26.09 2.66 -11.37
CA GLN B 194 26.14 1.56 -10.42
C GLN B 194 27.38 0.70 -10.65
N ASN B 195 27.63 0.35 -11.89
CA ASN B 195 28.65 -0.65 -12.20
C ASN B 195 30.04 -0.08 -12.32
N THR B 196 30.18 1.21 -12.60
CA THR B 196 31.51 1.79 -12.76
C THR B 196 31.87 2.81 -11.71
N GLU B 197 30.93 3.30 -10.92
CA GLU B 197 31.21 4.32 -9.93
C GLU B 197 30.75 3.92 -8.53
N GLY B 198 30.35 2.67 -8.33
CA GLY B 198 30.02 2.19 -7.01
C GLY B 198 28.70 2.70 -6.43
N VAL B 199 27.83 3.28 -7.25
CA VAL B 199 26.59 3.81 -6.69
C VAL B 199 25.68 2.66 -6.25
N LYS B 200 25.13 2.77 -5.06
CA LYS B 200 24.17 1.80 -4.54
C LYS B 200 22.80 2.48 -4.50
N TRP B 201 21.97 2.19 -5.51
CA TRP B 201 20.70 2.87 -5.64
C TRP B 201 19.71 2.38 -4.59
N THR B 202 18.83 3.30 -4.17
CA THR B 202 17.66 3.04 -3.36
C THR B 202 16.52 3.83 -3.98
N PRO B 203 15.28 3.58 -3.59
CA PRO B 203 14.17 4.42 -4.09
C PRO B 203 14.40 5.91 -3.86
N SER B 204 14.78 6.31 -2.65
CA SER B 204 14.94 7.76 -2.39
C SER B 204 16.05 8.35 -3.24
N LYS B 205 17.13 7.60 -3.48
CA LYS B 205 18.20 8.16 -4.32
C LYS B 205 17.75 8.23 -5.78
N MET B 206 16.99 7.26 -6.24
CA MET B 206 16.48 7.33 -7.60
C MET B 206 15.51 8.50 -7.75
N ILE B 207 14.64 8.70 -6.76
CA ILE B 207 13.67 9.79 -6.86
C ILE B 207 14.37 11.14 -6.89
N ALA B 208 15.42 11.33 -6.10
CA ALA B 208 16.16 12.58 -6.18
C ALA B 208 16.78 12.75 -7.56
N ARG B 209 17.34 11.68 -8.12
CA ARG B 209 17.91 11.78 -9.46
C ARG B 209 16.85 12.12 -10.50
N LEU B 210 15.67 11.49 -10.42
CA LEU B 210 14.64 11.79 -11.40
C LEU B 210 14.16 13.25 -11.27
N GLY B 211 14.07 13.75 -10.03
CA GLY B 211 13.70 15.15 -9.86
C GLY B 211 14.75 16.09 -10.44
N LYS B 212 16.04 15.76 -10.28
CA LYS B 212 17.06 16.58 -10.91
C LYS B 212 16.93 16.53 -12.43
N GLU B 213 16.67 15.34 -12.98
CA GLU B 213 16.61 15.21 -14.43
C GLU B 213 15.40 15.94 -15.01
N ILE B 214 14.26 15.91 -14.33
CA ILE B 214 13.05 16.52 -14.93
C ILE B 214 13.23 18.02 -15.06
N ASN B 215 13.98 18.64 -14.14
CA ASN B 215 14.49 19.99 -14.33
C ASN B 215 13.38 20.97 -14.68
N ASN B 216 12.32 20.92 -13.90
CA ASN B 216 11.08 21.60 -14.24
C ASN B 216 10.44 22.08 -12.95
N PRO B 217 10.20 23.39 -12.79
CA PRO B 217 9.70 23.91 -11.50
C PRO B 217 8.25 23.58 -11.22
N GLU B 218 7.54 22.90 -12.12
CA GLU B 218 6.20 22.43 -11.80
C GLU B 218 6.22 21.11 -11.05
N SER B 219 7.38 20.46 -10.98
CA SER B 219 7.51 19.10 -10.46
C SER B 219 7.81 19.11 -8.97
N VAL B 220 7.05 18.31 -8.22
CA VAL B 220 7.29 18.11 -6.80
C VAL B 220 8.74 17.66 -6.57
N TYR B 221 9.20 16.62 -7.31
CA TYR B 221 10.49 15.97 -7.02
C TYR B 221 11.66 16.83 -7.48
N TYR B 222 11.45 17.73 -8.45
CA TYR B 222 12.48 18.72 -8.75
C TYR B 222 12.77 19.57 -7.52
N TRP B 223 11.73 20.12 -6.89
CA TRP B 223 11.95 20.93 -5.70
C TRP B 223 12.45 20.09 -4.54
N ALA B 224 11.97 18.86 -4.39
CA ALA B 224 12.41 18.05 -3.27
C ALA B 224 13.94 17.89 -3.30
N GLN B 225 14.49 17.51 -4.44
CA GLN B 225 15.93 17.28 -4.50
C GLN B 225 16.68 18.60 -4.39
N LYS B 226 16.13 19.67 -4.97
CA LYS B 226 16.78 20.97 -4.87
C LYS B 226 16.87 21.41 -3.42
N ASN B 227 15.86 21.09 -2.61
CA ASN B 227 15.79 21.52 -1.23
C ASN B 227 16.21 20.44 -0.24
N HIS B 228 16.74 19.32 -0.73
CA HIS B 228 17.28 18.25 0.13
C HIS B 228 16.20 17.67 1.02
N ILE B 229 15.01 17.52 0.45
CA ILE B 229 13.89 16.83 1.09
C ILE B 229 13.88 15.39 0.57
N PRO B 230 14.18 14.40 1.41
CA PRO B 230 14.17 13.01 0.92
C PRO B 230 12.75 12.51 0.68
N VAL B 231 12.63 11.59 -0.26
CA VAL B 231 11.36 11.00 -0.67
C VAL B 231 11.46 9.49 -0.54
N PHE B 232 10.59 8.91 0.26
CA PHE B 232 10.61 7.47 0.46
C PHE B 232 9.42 6.81 -0.21
N SER B 233 9.68 5.64 -0.80
CA SER B 233 8.70 4.91 -1.61
C SER B 233 9.20 3.48 -1.73
N PRO B 234 9.00 2.63 -0.72
CA PRO B 234 9.71 1.34 -0.69
C PRO B 234 9.22 0.39 -1.77
N ALA B 235 7.98 0.49 -2.21
CA ALA B 235 7.48 -0.32 -3.32
C ALA B 235 7.49 0.48 -4.61
N LEU B 236 8.66 1.03 -4.96
CA LEU B 236 8.78 1.91 -6.12
C LEU B 236 8.55 1.23 -7.45
N THR B 237 8.62 -0.09 -7.47
CA THR B 237 8.38 -0.86 -8.67
C THR B 237 6.90 -1.04 -8.99
N ASP B 238 6.00 -0.57 -8.14
CA ASP B 238 4.57 -0.87 -8.34
C ASP B 238 3.92 0.23 -9.13
N GLY B 239 4.15 0.22 -10.44
CA GLY B 239 3.64 1.28 -11.29
C GLY B 239 4.38 1.32 -12.62
N SER B 240 4.24 2.47 -13.30
CA SER B 240 4.83 2.60 -14.63
C SER B 240 6.36 2.63 -14.55
N LEU B 241 6.90 3.28 -13.52
CA LEU B 241 8.34 3.24 -13.31
CA LEU B 241 8.34 3.24 -13.32
C LEU B 241 8.81 1.80 -13.27
N GLY B 242 8.08 0.94 -12.56
CA GLY B 242 8.39 -0.48 -12.59
C GLY B 242 8.33 -1.07 -13.98
N ASP B 243 7.24 -0.79 -14.71
CA ASP B 243 7.15 -1.25 -16.10
C ASP B 243 8.45 -0.95 -16.83
N MET B 244 8.93 0.29 -16.70
CA MET B 244 10.07 0.74 -17.50
C MET B 244 11.34 0.06 -17.02
N ILE B 245 11.52 -0.04 -15.71
CA ILE B 245 12.67 -0.77 -15.18
C ILE B 245 12.65 -2.20 -15.67
N PHE B 246 11.45 -2.82 -15.64
CA PHE B 246 11.30 -4.20 -16.11
C PHE B 246 11.75 -4.33 -17.56
N PHE B 247 11.23 -3.50 -18.45
CA PHE B 247 11.61 -3.60 -19.86
C PHE B 247 13.09 -3.32 -20.03
N HIS B 248 13.57 -2.25 -19.39
CA HIS B 248 14.97 -1.87 -19.47
C HIS B 248 15.88 -3.02 -19.08
N SER B 249 15.50 -3.77 -18.05
CA SER B 249 16.40 -4.78 -17.49
C SER B 249 16.70 -5.87 -18.50
N TYR B 250 15.91 -5.96 -19.57
CA TYR B 250 16.21 -6.99 -20.56
C TYR B 250 17.26 -6.54 -21.55
N LYS B 251 17.39 -5.25 -21.80
CA LYS B 251 18.48 -4.77 -22.65
C LYS B 251 19.70 -4.41 -21.84
N ASN B 252 19.52 -4.04 -20.56
CA ASN B 252 20.61 -3.48 -19.74
C ASN B 252 20.44 -4.03 -18.32
N PRO B 253 20.76 -5.29 -18.11
CA PRO B 253 20.37 -5.96 -16.86
C PRO B 253 21.22 -5.52 -15.67
N GLY B 254 20.64 -5.68 -14.49
CA GLY B 254 21.41 -5.60 -13.25
C GLY B 254 21.11 -4.43 -12.34
N LEU B 255 20.17 -3.55 -12.68
CA LEU B 255 19.89 -2.44 -11.78
C LEU B 255 19.37 -2.99 -10.45
N VAL B 256 19.92 -2.51 -9.34
CA VAL B 256 19.48 -2.92 -8.01
C VAL B 256 18.89 -1.71 -7.29
N LEU B 257 17.70 -1.89 -6.71
CA LEU B 257 17.09 -0.91 -5.81
C LEU B 257 16.95 -1.55 -4.44
N ASP B 258 17.78 -1.10 -3.49
CA ASP B 258 17.78 -1.64 -2.14
C ASP B 258 16.80 -0.87 -1.27
N ILE B 259 15.91 -1.59 -0.58
CA ILE B 259 15.00 -0.90 0.33
C ILE B 259 15.52 -0.86 1.77
N VAL B 260 16.59 -1.61 2.07
CA VAL B 260 17.06 -1.63 3.46
C VAL B 260 17.69 -0.29 3.83
N GLU B 261 18.55 0.23 2.96
CA GLU B 261 19.20 1.50 3.28
C GLU B 261 18.14 2.59 3.44
N ASP B 262 17.11 2.55 2.61
CA ASP B 262 16.05 3.57 2.73
C ASP B 262 15.26 3.43 4.03
N LEU B 263 15.18 2.23 4.59
CA LEU B 263 14.55 2.09 5.91
C LEU B 263 15.39 2.78 6.98
N ARG B 264 16.72 2.60 6.94
CA ARG B 264 17.57 3.33 7.87
C ARG B 264 17.42 4.83 7.70
N LEU B 265 17.34 5.28 6.45
CA LEU B 265 17.28 6.73 6.20
C LEU B 265 16.00 7.37 6.76
N ILE B 266 14.83 6.75 6.53
CA ILE B 266 13.61 7.36 7.05
C ILE B 266 13.54 7.23 8.56
N ASN B 267 13.93 6.10 9.12
CA ASN B 267 13.85 5.96 10.57
C ASN B 267 14.76 6.97 11.27
N THR B 268 15.95 7.25 10.72
CA THR B 268 16.83 8.20 11.40
CA THR B 268 16.87 8.22 11.31
C THR B 268 16.27 9.62 11.36
N GLN B 269 15.48 9.95 10.35
CA GLN B 269 14.82 11.27 10.32
C GLN B 269 13.94 11.46 11.55
N ALA B 270 13.27 10.40 12.00
CA ALA B 270 12.45 10.50 13.20
C ALA B 270 13.30 10.44 14.46
N ILE B 271 14.28 9.53 14.49
CA ILE B 271 15.01 9.27 15.72
C ILE B 271 15.75 10.52 16.19
N PHE B 272 16.29 11.30 15.26
CA PHE B 272 17.11 12.44 15.64
C PHE B 272 16.37 13.78 15.52
N ALA B 273 15.05 13.76 15.48
CA ALA B 273 14.26 14.98 15.49
C ALA B 273 14.06 15.55 16.89
N LYS B 274 14.04 16.89 17.00
CA LYS B 274 13.62 17.54 18.24
C LYS B 274 12.13 17.35 18.49
N CYS B 275 11.34 17.29 17.42
CA CYS B 275 9.89 17.29 17.40
C CYS B 275 9.51 16.70 16.05
N THR B 276 8.41 15.95 16.01
CA THR B 276 7.89 15.53 14.72
C THR B 276 6.39 15.80 14.60
N GLY B 277 5.99 16.11 13.38
CA GLY B 277 4.59 16.13 13.00
C GLY B 277 4.38 15.25 11.79
N MET B 278 3.22 14.62 11.74
CA MET B 278 2.81 13.79 10.61
C MET B 278 1.56 14.41 9.99
N ILE B 279 1.61 14.66 8.69
CA ILE B 279 0.41 15.04 7.91
C ILE B 279 0.25 13.96 6.85
N ILE B 280 -0.80 13.16 6.95
CA ILE B 280 -0.93 11.96 6.15
CA ILE B 280 -0.94 11.93 6.17
C ILE B 280 -2.25 12.00 5.38
N LEU B 281 -2.14 12.04 4.04
CA LEU B 281 -3.28 12.05 3.15
C LEU B 281 -3.44 10.66 2.57
N GLY B 282 -4.54 10.02 2.90
CA GLY B 282 -4.80 8.67 2.47
C GLY B 282 -4.13 7.68 3.40
N GLY B 283 -4.18 6.41 2.99
CA GLY B 283 -3.67 5.33 3.84
C GLY B 283 -2.60 4.50 3.19
N GLY B 284 -2.68 3.19 3.39
CA GLY B 284 -1.75 2.23 2.81
C GLY B 284 -0.34 2.33 3.36
N VAL B 285 0.61 1.94 2.51
CA VAL B 285 2.02 1.95 2.89
C VAL B 285 2.46 3.31 3.41
N VAL B 286 2.04 4.39 2.75
CA VAL B 286 2.51 5.71 3.13
CA VAL B 286 2.56 5.69 3.14
C VAL B 286 2.21 5.99 4.60
N LYS B 287 0.97 5.69 5.01
CA LYS B 287 0.53 6.02 6.37
C LYS B 287 1.27 5.18 7.39
N HIS B 288 1.40 3.88 7.13
CA HIS B 288 2.11 3.04 8.08
C HIS B 288 3.60 3.39 8.15
N HIS B 289 4.19 3.69 7.00
CA HIS B 289 5.65 3.86 6.94
C HIS B 289 6.07 5.10 7.73
N ILE B 290 5.29 6.18 7.64
CA ILE B 290 5.57 7.38 8.41
C ILE B 290 5.35 7.13 9.89
N ALA B 291 4.20 6.51 10.23
CA ALA B 291 3.90 6.26 11.64
C ALA B 291 4.90 5.31 12.27
N ASN B 292 5.28 4.27 11.54
CA ASN B 292 6.25 3.31 12.09
C ASN B 292 7.61 3.95 12.30
N ALA B 293 8.05 4.81 11.37
CA ALA B 293 9.26 5.58 11.60
C ALA B 293 9.19 6.35 12.92
N ASN B 294 8.05 7.00 13.17
CA ASN B 294 7.96 7.80 14.38
C ASN B 294 7.85 6.94 15.64
N LEU B 295 7.46 5.68 15.53
CA LEU B 295 7.56 4.80 16.69
C LEU B 295 9.00 4.73 17.19
N MET B 296 9.97 4.88 16.30
CA MET B 296 11.36 4.74 16.74
C MET B 296 11.78 5.86 17.67
N ARG B 297 11.02 6.96 17.76
CA ARG B 297 11.29 7.98 18.77
C ARG B 297 10.25 7.96 19.89
N ASN B 298 9.48 6.87 19.99
CA ASN B 298 8.39 6.75 20.96
CA ASN B 298 8.40 6.75 20.96
C ASN B 298 7.23 7.69 20.65
N GLY B 299 7.12 8.13 19.40
CA GLY B 299 5.92 8.76 18.93
C GLY B 299 6.05 10.17 18.38
N ALA B 300 5.17 10.49 17.45
CA ALA B 300 5.07 11.83 16.91
C ALA B 300 4.40 12.76 17.93
N ASP B 301 4.82 14.02 17.91
CA ASP B 301 4.24 15.02 18.80
C ASP B 301 2.91 15.56 18.26
N TYR B 302 2.76 15.60 16.93
CA TYR B 302 1.58 16.14 16.26
C TYR B 302 1.19 15.21 15.12
N ALA B 303 -0.11 15.08 14.88
CA ALA B 303 -0.54 14.19 13.81
C ALA B 303 -1.90 14.61 13.28
N VAL B 304 -2.00 14.68 11.95
CA VAL B 304 -3.25 14.90 11.24
C VAL B 304 -3.39 13.83 10.18
N TYR B 305 -4.46 13.06 10.25
CA TYR B 305 -4.85 12.14 9.19
C TYR B 305 -5.98 12.77 8.40
N ILE B 306 -5.89 12.77 7.07
CA ILE B 306 -7.06 13.03 6.22
C ILE B 306 -7.25 11.82 5.33
N ASN B 307 -8.27 10.99 5.61
CA ASN B 307 -8.51 9.86 4.73
C ASN B 307 -9.96 9.41 4.81
N THR B 308 -10.34 8.63 3.80
CA THR B 308 -11.69 8.11 3.62
C THR B 308 -11.88 6.71 4.14
N ALA B 309 -10.87 6.13 4.80
CA ALA B 309 -10.99 4.76 5.28
C ALA B 309 -11.72 4.75 6.61
N GLN B 310 -12.22 3.56 6.97
CA GLN B 310 -12.95 3.35 8.22
C GLN B 310 -12.33 2.18 8.97
N GLU B 311 -12.55 2.13 10.29
CA GLU B 311 -11.77 1.17 11.07
C GLU B 311 -12.32 -0.25 11.01
N PHE B 312 -13.60 -0.41 10.66
CA PHE B 312 -14.33 -1.65 10.94
C PHE B 312 -13.71 -2.90 10.29
N ASP B 313 -12.98 -2.73 9.20
CA ASP B 313 -12.42 -3.85 8.45
C ASP B 313 -11.07 -4.24 9.01
N GLY B 314 -10.65 -3.63 10.11
CA GLY B 314 -9.34 -3.95 10.67
C GLY B 314 -8.16 -3.42 9.90
N SER B 315 -8.39 -2.58 8.88
CA SER B 315 -7.31 -2.11 8.03
C SER B 315 -6.40 -1.14 8.78
N ASP B 316 -5.12 -1.11 8.35
CA ASP B 316 -4.26 -0.04 8.83
C ASP B 316 -4.75 1.31 8.30
N SER B 317 -5.14 1.34 7.02
CA SER B 317 -5.64 2.58 6.42
C SER B 317 -6.70 3.21 7.30
N GLY B 318 -7.64 2.41 7.78
CA GLY B 318 -8.78 2.91 8.52
C GLY B 318 -8.57 3.04 10.01
N ALA B 319 -7.38 2.67 10.50
CA ALA B 319 -7.12 2.77 11.93
C ALA B 319 -7.16 4.23 12.39
N ARG B 320 -7.83 4.46 13.49
CA ARG B 320 -7.90 5.80 14.06
C ARG B 320 -6.56 6.17 14.68
N PRO B 321 -6.30 7.48 14.86
CA PRO B 321 -5.06 7.87 15.55
C PRO B 321 -4.87 7.17 16.87
N ASP B 322 -5.95 6.91 17.60
CA ASP B 322 -5.78 6.33 18.92
C ASP B 322 -5.27 4.88 18.82
N GLU B 323 -5.45 4.21 17.68
CA GLU B 323 -4.83 2.90 17.54
C GLU B 323 -3.33 3.04 17.54
N ALA B 324 -2.83 4.08 16.86
CA ALA B 324 -1.38 4.30 16.77
C ALA B 324 -0.79 4.61 18.13
N VAL B 325 -1.55 5.25 19.01
CA VAL B 325 -1.10 5.51 20.37
C VAL B 325 -0.76 4.21 21.09
N SER B 326 -1.54 3.15 20.86
CA SER B 326 -1.27 1.91 21.59
C SER B 326 0.10 1.35 21.25
N TRP B 327 0.59 1.60 20.02
CA TRP B 327 1.90 1.10 19.57
C TRP B 327 3.06 2.00 19.97
N GLY B 328 2.77 3.28 20.28
CA GLY B 328 3.81 4.27 20.53
C GLY B 328 4.17 5.08 19.31
N LYS B 329 3.35 5.02 18.26
CA LYS B 329 3.62 5.76 17.04
C LYS B 329 3.19 7.22 17.16
N ILE B 330 2.25 7.49 18.05
CA ILE B 330 1.81 8.85 18.39
C ILE B 330 1.90 8.94 19.90
N ARG B 331 2.47 10.03 20.40
CA ARG B 331 2.68 10.12 21.84
C ARG B 331 1.34 10.17 22.57
N VAL B 332 1.38 9.70 23.82
CA VAL B 332 0.17 9.66 24.64
C VAL B 332 -0.34 11.07 24.90
N ASP B 333 0.57 12.02 25.06
CA ASP B 333 0.15 13.39 25.35
C ASP B 333 -0.16 14.19 24.08
N ALA B 334 -0.07 13.58 22.89
CA ALA B 334 -0.44 14.30 21.69
C ALA B 334 -1.97 14.45 21.61
N GLN B 335 -2.41 15.36 20.76
CA GLN B 335 -3.84 15.56 20.47
C GLN B 335 -4.09 15.39 18.97
N PRO B 336 -3.97 14.17 18.45
CA PRO B 336 -4.09 13.97 17.01
C PRO B 336 -5.52 14.14 16.53
N VAL B 337 -5.64 14.35 15.22
CA VAL B 337 -6.92 14.60 14.57
C VAL B 337 -7.01 13.81 13.28
N LYS B 338 -8.15 13.18 13.04
CA LYS B 338 -8.49 12.65 11.74
C LYS B 338 -9.67 13.41 11.16
N VAL B 339 -9.53 13.84 9.90
CA VAL B 339 -10.64 14.34 9.09
C VAL B 339 -11.06 13.24 8.12
N TYR B 340 -12.32 12.84 8.19
CA TYR B 340 -12.87 11.75 7.37
C TYR B 340 -13.42 12.38 6.10
N ALA B 341 -12.61 12.43 5.05
CA ALA B 341 -13.00 13.16 3.84
C ALA B 341 -12.00 12.88 2.73
N ASP B 342 -12.45 13.07 1.49
CA ASP B 342 -11.57 13.12 0.33
C ASP B 342 -10.61 14.30 0.44
N ALA B 343 -9.32 14.00 0.45
CA ALA B 343 -8.32 15.04 0.58
C ALA B 343 -8.31 16.02 -0.59
N SER B 344 -8.88 15.67 -1.75
CA SER B 344 -8.91 16.63 -2.84
C SER B 344 -9.79 17.83 -2.49
N LEU B 345 -10.73 17.65 -1.57
CA LEU B 345 -11.56 18.75 -1.09
C LEU B 345 -10.88 19.51 0.05
N VAL B 346 -10.31 18.79 1.03
CA VAL B 346 -9.87 19.35 2.32
CA VAL B 346 -9.92 19.53 2.21
C VAL B 346 -8.45 19.90 2.28
N PHE B 347 -7.54 19.20 1.58
CA PHE B 347 -6.15 19.59 1.78
C PHE B 347 -5.85 21.01 1.31
N PRO B 348 -6.33 21.48 0.15
CA PRO B 348 -6.05 22.88 -0.23
C PRO B 348 -6.62 23.86 0.80
N LEU B 349 -7.77 23.53 1.41
CA LEU B 349 -8.31 24.42 2.44
C LEU B 349 -7.43 24.43 3.67
N LEU B 350 -6.93 23.26 4.06
CA LEU B 350 -6.03 23.18 5.20
C LEU B 350 -4.78 24.02 4.97
N VAL B 351 -4.15 23.87 3.80
CA VAL B 351 -2.95 24.64 3.47
C VAL B 351 -3.26 26.13 3.49
N ALA B 352 -4.42 26.53 2.96
CA ALA B 352 -4.77 27.96 2.94
C ALA B 352 -4.79 28.55 4.35
N GLU B 353 -5.24 27.75 5.33
CA GLU B 353 -5.41 28.23 6.70
C GLU B 353 -4.17 28.02 7.56
N THR B 354 -3.13 27.37 7.03
CA THR B 354 -1.95 27.12 7.87
C THR B 354 -0.69 27.58 7.17
N PHE B 355 -0.01 26.67 6.45
CA PHE B 355 1.25 27.01 5.81
C PHE B 355 1.20 28.30 5.00
N ALA B 356 0.16 28.47 4.16
CA ALA B 356 0.17 29.60 3.22
C ALA B 356 0.15 30.93 3.96
N GLN B 357 -0.46 31.00 5.15
CA GLN B 357 -0.43 32.23 5.93
C GLN B 357 0.89 32.45 6.67
N LYS B 358 1.83 31.52 6.63
CA LYS B 358 3.14 31.75 7.24
C LYS B 358 4.24 31.71 6.19
N MET B 359 3.86 31.96 4.94
CA MET B 359 4.83 31.86 3.85
CA MET B 359 4.82 31.89 3.83
C MET B 359 6.07 32.71 4.12
N ASP B 360 5.90 33.95 4.52
CA ASP B 360 7.08 34.79 4.76
C ASP B 360 8.10 34.16 5.67
N ALA B 361 7.65 33.50 6.69
CA ALA B 361 8.57 32.88 7.63
C ALA B 361 9.41 31.80 6.99
N PHE B 362 9.05 31.34 5.79
CA PHE B 362 9.73 30.23 5.16
C PHE B 362 10.63 30.65 4.00
N MET B 363 10.79 31.93 3.81
CA MET B 363 11.56 32.37 2.71
C MET B 363 12.82 33.11 3.02
N HIS B 364 13.71 33.04 2.04
CA HIS B 364 15.01 33.71 1.97
C HIS B 364 15.75 33.88 3.29
#